data_1I3L
#
_entry.id   1I3L
#
_cell.length_a   78.100
_cell.length_b   89.800
_cell.length_c   97.000
_cell.angle_alpha   90.00
_cell.angle_beta   90.00
_cell.angle_gamma   90.00
#
_symmetry.space_group_name_H-M   'P 21 21 21'
#
loop_
_entity.id
_entity.type
_entity.pdbx_description
1 polymer 'UDP-GLUCOSE 4-EPIMERASE'
2 non-polymer "GALACTOSE-URIDINE-5'-DIPHOSPHATE"
3 non-polymer 'CHLORIDE ION'
4 non-polymer 'MAGNESIUM ION'
5 non-polymer NICOTINAMIDE-ADENINE-DINUCLEOTIDE
6 non-polymer 1,2-ETHANEDIOL
7 water water
#
_entity_poly.entity_id   1
_entity_poly.type   'polypeptide(L)'
_entity_poly.pdbx_seq_one_letter_code
;MAEKVLVTGGAGYIGSHTVLELLEAGYLPVVIDNFHNAFRGGGSLPESLRRVQELTGRSVEFEEMDILDQGALQRLFKKY
SFMAVIHFAGLKAMGESVQKPLDYYRVNLTGTIQLLEIMKAHGVKNLVFSSSATVYGNPQYLPLDEAHPTGGCTNPYGKS
KFFIEEMIRDLCQADKTWNVVLLRYFNPTGAHASGCIGEDPQGIPNNLMPYVSQVAIGRREALNVFGNDYDTEDGTGVRD
YIHVVDLAKGHIAALRKLKEQCGCRIYNLGTGTGYSVLQMVQAMEKASGKKIPYKVVARREGDVAACYANPSLAQEELGW
TAALGLDRMCEDLWRWQKQNPSGFGTQA
;
_entity_poly.pdbx_strand_id   A,B
#
loop_
_chem_comp.id
_chem_comp.type
_chem_comp.name
_chem_comp.formula
CL non-polymer 'CHLORIDE ION' 'Cl -1'
EDO non-polymer 1,2-ETHANEDIOL 'C2 H6 O2'
GDU non-polymer GALACTOSE-URIDINE-5'-DIPHOSPHATE 'C15 H24 N2 O17 P2'
MG non-polymer 'MAGNESIUM ION' 'Mg 2'
NAD non-polymer NICOTINAMIDE-ADENINE-DINUCLEOTIDE 'C21 H27 N7 O14 P2'
#
# COMPACT_ATOMS: atom_id res chain seq x y z
N ALA A 2 -21.44 27.15 1.28
CA ALA A 2 -21.50 27.12 2.74
C ALA A 2 -20.65 25.95 3.29
N GLU A 3 -20.41 24.97 2.39
CA GLU A 3 -19.58 23.80 2.69
C GLU A 3 -18.12 24.07 2.32
N LYS A 4 -17.22 23.68 3.19
CA LYS A 4 -15.83 23.95 2.95
C LYS A 4 -15.07 22.88 2.18
N VAL A 5 -13.83 23.19 1.89
CA VAL A 5 -12.97 22.28 1.20
C VAL A 5 -11.79 22.13 2.13
N LEU A 6 -11.47 20.92 2.52
CA LEU A 6 -10.31 20.68 3.37
C LEU A 6 -9.08 20.55 2.48
N VAL A 7 -8.01 21.26 2.86
CA VAL A 7 -6.76 21.22 2.14
C VAL A 7 -5.68 20.70 3.04
N THR A 8 -5.22 19.47 2.83
CA THR A 8 -4.16 18.92 3.65
C THR A 8 -2.83 19.33 3.07
N GLY A 9 -1.80 19.55 3.92
CA GLY A 9 -0.48 19.94 3.44
C GLY A 9 -0.57 21.28 2.73
N GLY A 10 -1.56 22.10 3.08
CA GLY A 10 -1.79 23.36 2.42
C GLY A 10 -0.70 24.45 2.61
N ALA A 11 0.26 24.27 3.49
CA ALA A 11 1.25 25.32 3.64
C ALA A 11 2.45 25.17 2.71
N GLY A 12 2.56 24.00 2.03
CA GLY A 12 3.68 23.69 1.15
C GLY A 12 3.62 24.44 -0.16
N TYR A 13 4.49 24.00 -1.07
CA TYR A 13 4.61 24.63 -2.38
C TYR A 13 3.36 24.67 -3.21
N ILE A 14 2.90 23.46 -3.60
CA ILE A 14 1.70 23.38 -4.41
C ILE A 14 0.45 23.74 -3.66
N GLY A 15 0.39 23.29 -2.40
CA GLY A 15 -0.76 23.56 -1.54
C GLY A 15 -1.02 25.06 -1.32
N SER A 16 0.07 25.84 -1.07
CA SER A 16 -0.13 27.27 -0.83
C SER A 16 -0.69 27.94 -2.06
N HIS A 17 -0.14 27.54 -3.22
CA HIS A 17 -0.61 28.10 -4.49
C HIS A 17 -2.07 27.74 -4.75
N THR A 18 -2.42 26.50 -4.37
CA THR A 18 -3.79 26.04 -4.54
C THR A 18 -4.75 26.75 -3.57
N VAL A 19 -4.32 26.97 -2.33
CA VAL A 19 -5.16 27.73 -1.40
C VAL A 19 -5.46 29.10 -1.98
N LEU A 20 -4.43 29.73 -2.56
CA LEU A 20 -4.63 31.04 -3.18
C LEU A 20 -5.70 30.98 -4.29
N GLU A 21 -5.57 29.99 -5.19
CA GLU A 21 -6.52 29.84 -6.27
C GLU A 21 -7.94 29.58 -5.78
N LEU A 22 -7.99 28.77 -4.71
CA LEU A 22 -9.27 28.45 -4.14
C LEU A 22 -9.92 29.72 -3.62
N LEU A 23 -9.15 30.51 -2.88
CA LEU A 23 -9.69 31.76 -2.33
C LEU A 23 -10.18 32.72 -3.42
N GLU A 24 -9.42 32.82 -4.49
CA GLU A 24 -9.79 33.70 -5.59
C GLU A 24 -10.99 33.18 -6.32
N ALA A 25 -11.14 31.86 -6.39
CA ALA A 25 -12.31 31.35 -7.09
C ALA A 25 -13.57 31.27 -6.22
N GLY A 26 -13.56 31.80 -5.00
CA GLY A 26 -14.79 31.75 -4.22
C GLY A 26 -14.99 30.61 -3.24
N TYR A 27 -14.04 29.68 -3.15
CA TYR A 27 -14.14 28.53 -2.24
C TYR A 27 -13.78 28.94 -0.79
N LEU A 28 -14.10 28.09 0.18
CA LEU A 28 -13.77 28.34 1.58
C LEU A 28 -12.94 27.19 2.12
N PRO A 29 -11.64 27.35 2.11
CA PRO A 29 -10.80 26.27 2.55
C PRO A 29 -10.54 26.29 4.02
N VAL A 30 -10.23 25.12 4.51
CA VAL A 30 -9.82 24.87 5.86
C VAL A 30 -8.51 24.14 5.57
N VAL A 31 -7.41 24.67 6.07
CA VAL A 31 -6.13 24.13 5.80
C VAL A 31 -5.42 23.54 6.98
N ILE A 32 -4.82 22.37 6.77
CA ILE A 32 -4.06 21.74 7.83
C ILE A 32 -2.66 21.45 7.34
N ASP A 33 -1.68 21.50 8.26
CA ASP A 33 -0.27 21.22 7.94
C ASP A 33 0.44 21.01 9.26
N ASN A 34 1.47 20.18 9.28
CA ASN A 34 2.23 19.90 10.49
C ASN A 34 3.61 20.52 10.45
N PHE A 35 3.85 21.34 9.44
CA PHE A 35 5.13 22.03 9.33
C PHE A 35 6.31 21.13 9.04
N HIS A 36 6.06 19.92 8.58
CA HIS A 36 7.15 19.04 8.27
C HIS A 36 8.07 19.67 7.24
N ASN A 37 7.46 20.33 6.28
CA ASN A 37 8.26 20.95 5.22
C ASN A 37 7.69 22.30 4.82
N ALA A 38 7.31 23.07 5.83
CA ALA A 38 6.74 24.40 5.66
C ALA A 38 7.25 25.25 6.82
N PHE A 39 7.53 26.51 6.48
CA PHE A 39 8.08 27.47 7.40
C PHE A 39 7.04 28.17 8.24
N ARG A 40 7.34 28.19 9.52
CA ARG A 40 6.42 28.84 10.41
C ARG A 40 6.57 30.36 10.34
N GLY A 41 5.41 31.01 10.27
CA GLY A 41 5.33 32.44 10.25
C GLY A 41 5.52 33.02 11.65
N GLY A 42 5.46 34.33 11.76
CA GLY A 42 5.62 35.01 13.03
C GLY A 42 4.42 34.75 13.91
N GLY A 43 3.27 34.47 13.26
CA GLY A 43 2.01 34.15 13.93
C GLY A 43 1.70 32.65 13.87
N SER A 44 0.39 32.35 14.00
CA SER A 44 -0.14 31.01 13.96
C SER A 44 -0.04 30.50 12.52
N LEU A 45 -0.27 31.39 11.54
CA LEU A 45 -0.18 30.97 10.14
C LEU A 45 1.19 30.66 9.62
N PRO A 46 1.30 29.68 8.74
CA PRO A 46 2.59 29.42 8.11
C PRO A 46 2.83 30.69 7.29
N GLU A 47 4.10 31.07 7.12
CA GLU A 47 4.39 32.29 6.37
C GLU A 47 3.72 32.31 5.00
N SER A 48 3.81 31.18 4.28
CA SER A 48 3.20 31.10 2.97
C SER A 48 1.74 31.47 2.96
N LEU A 49 0.99 30.99 3.93
CA LEU A 49 -0.42 31.28 3.99
C LEU A 49 -0.74 32.68 4.51
N ARG A 50 0.17 33.20 5.33
CA ARG A 50 -0.02 34.56 5.80
C ARG A 50 0.03 35.49 4.59
N ARG A 51 0.99 35.22 3.69
CA ARG A 51 1.13 35.99 2.46
C ARG A 51 -0.05 35.77 1.54
N VAL A 52 -0.57 34.53 1.48
CA VAL A 52 -1.73 34.25 0.65
C VAL A 52 -2.91 35.07 1.17
N GLN A 53 -3.03 35.21 2.49
CA GLN A 53 -4.11 36.02 3.05
C GLN A 53 -4.00 37.48 2.58
N GLU A 54 -2.78 38.01 2.63
CA GLU A 54 -2.58 39.39 2.15
C GLU A 54 -2.84 39.52 0.65
N LEU A 55 -2.28 38.61 -0.16
CA LEU A 55 -2.47 38.64 -1.59
C LEU A 55 -3.92 38.64 -2.01
N THR A 56 -4.73 37.77 -1.38
CA THR A 56 -6.14 37.65 -1.72
C THR A 56 -7.08 38.56 -0.97
N GLY A 57 -6.66 39.03 0.20
CA GLY A 57 -7.52 39.88 1.01
C GLY A 57 -8.63 39.03 1.63
N ARG A 58 -8.40 37.72 1.64
CA ARG A 58 -9.31 36.74 2.19
C ARG A 58 -8.66 35.97 3.34
N SER A 59 -9.46 35.61 4.35
CA SER A 59 -8.92 34.90 5.49
C SER A 59 -8.64 33.44 5.20
N VAL A 60 -7.58 32.95 5.84
CA VAL A 60 -7.23 31.57 5.69
C VAL A 60 -7.54 30.85 7.00
N GLU A 61 -8.42 29.84 7.00
CA GLU A 61 -8.74 29.04 8.20
C GLU A 61 -7.72 27.94 8.26
N PHE A 62 -6.93 27.92 9.32
CA PHE A 62 -5.85 26.98 9.46
C PHE A 62 -5.74 26.35 10.84
N GLU A 63 -5.29 25.11 10.85
CA GLU A 63 -5.03 24.30 12.05
C GLU A 63 -3.74 23.54 11.87
N GLU A 64 -2.86 23.69 12.85
CA GLU A 64 -1.63 22.95 12.80
C GLU A 64 -2.03 21.54 13.22
N MET A 65 -1.75 20.57 12.38
CA MET A 65 -2.17 19.22 12.70
C MET A 65 -1.50 18.22 11.80
N ASP A 66 -1.32 17.00 12.29
CA ASP A 66 -0.73 15.93 11.52
C ASP A 66 -1.82 15.00 11.03
N ILE A 67 -1.76 14.55 9.77
CA ILE A 67 -2.81 13.66 9.28
C ILE A 67 -2.77 12.33 10.00
N LEU A 68 -1.64 12.05 10.65
CA LEU A 68 -1.53 10.81 11.40
C LEU A 68 -2.19 10.88 12.77
N ASP A 69 -2.62 12.06 13.19
CA ASP A 69 -3.28 12.30 14.47
C ASP A 69 -4.75 12.04 14.36
N GLN A 70 -5.14 10.81 14.63
CA GLN A 70 -6.54 10.43 14.48
C GLN A 70 -7.56 11.28 15.20
N GLY A 71 -7.29 11.48 16.49
CA GLY A 71 -8.20 12.29 17.28
C GLY A 71 -8.42 13.68 16.71
N ALA A 72 -7.33 14.37 16.29
CA ALA A 72 -7.46 15.72 15.76
C ALA A 72 -8.22 15.78 14.45
N LEU A 73 -7.91 14.79 13.61
CA LEU A 73 -8.56 14.70 12.31
C LEU A 73 -10.05 14.44 12.48
N GLN A 74 -10.38 13.51 13.38
CA GLN A 74 -11.79 13.25 13.62
C GLN A 74 -12.54 14.48 14.11
N ARG A 75 -11.97 15.17 15.10
CA ARG A 75 -12.57 16.38 15.62
C ARG A 75 -12.76 17.41 14.49
N LEU A 76 -11.77 17.52 13.55
CA LEU A 76 -11.87 18.46 12.46
C LEU A 76 -13.06 18.17 11.56
N PHE A 77 -13.21 16.89 11.19
CA PHE A 77 -14.34 16.45 10.34
C PHE A 77 -15.66 16.62 11.05
N LYS A 78 -15.64 16.52 12.37
CA LYS A 78 -16.85 16.71 13.17
C LYS A 78 -17.25 18.19 13.20
N LYS A 79 -16.24 19.06 13.33
CA LYS A 79 -16.46 20.50 13.42
C LYS A 79 -16.91 21.16 12.14
N TYR A 80 -16.39 20.74 11.00
CA TYR A 80 -16.83 21.38 9.77
C TYR A 80 -17.61 20.39 8.94
N SER A 81 -18.26 20.92 7.90
CA SER A 81 -19.00 20.14 6.93
C SER A 81 -18.23 20.35 5.62
N PHE A 82 -17.34 19.44 5.35
CA PHE A 82 -16.57 19.52 4.13
C PHE A 82 -17.30 18.95 2.95
N MET A 83 -17.14 19.61 1.80
CA MET A 83 -17.76 19.11 0.61
C MET A 83 -16.77 18.30 -0.21
N ALA A 84 -15.48 18.46 0.06
CA ALA A 84 -14.41 17.76 -0.63
C ALA A 84 -13.11 17.97 0.15
N VAL A 85 -12.16 17.13 -0.17
CA VAL A 85 -10.84 17.17 0.41
C VAL A 85 -9.80 17.15 -0.72
N ILE A 86 -8.82 18.05 -0.66
CA ILE A 86 -7.70 18.09 -1.60
C ILE A 86 -6.51 17.67 -0.75
N HIS A 87 -5.94 16.51 -1.01
CA HIS A 87 -4.89 15.95 -0.22
C HIS A 87 -3.47 16.10 -0.73
N PHE A 88 -2.77 17.13 -0.22
CA PHE A 88 -1.35 17.35 -0.58
C PHE A 88 -0.37 16.80 0.46
N ALA A 89 -0.85 16.64 1.69
CA ALA A 89 0.03 16.20 2.72
C ALA A 89 0.73 14.90 2.48
N GLY A 90 2.04 14.90 2.67
CA GLY A 90 2.86 13.70 2.53
C GLY A 90 4.35 13.99 2.50
N LEU A 91 5.14 12.91 2.42
CA LEU A 91 6.59 13.05 2.31
C LEU A 91 6.91 12.94 0.84
N LYS A 92 7.85 13.76 0.39
CA LYS A 92 8.29 13.68 -0.98
C LYS A 92 9.73 13.36 -0.85
N ALA A 93 10.40 13.22 -1.92
CA ALA A 93 11.70 12.87 -1.44
C ALA A 93 12.82 13.75 -1.86
N MET A 94 13.76 13.81 -0.90
CA MET A 94 15.02 14.50 -0.89
C MET A 94 16.01 13.39 -1.29
N GLY A 95 15.51 12.53 -2.19
CA GLY A 95 16.24 11.35 -2.65
C GLY A 95 16.35 10.35 -1.47
N GLU A 96 15.57 10.62 -0.42
CA GLU A 96 15.50 9.88 0.82
C GLU A 96 14.73 8.56 0.83
N SER A 97 13.55 8.53 0.21
CA SER A 97 12.68 7.36 0.19
C SER A 97 13.33 6.00 0.16
N VAL A 98 14.30 5.84 -0.73
CA VAL A 98 14.96 4.55 -0.79
C VAL A 98 15.55 4.09 0.53
N GLN A 99 16.06 5.04 1.33
CA GLN A 99 16.67 4.74 2.61
C GLN A 99 15.69 4.69 3.78
N LYS A 100 14.53 5.36 3.69
CA LYS A 100 13.63 5.32 4.83
C LYS A 100 12.23 4.88 4.40
N PRO A 101 12.14 3.65 3.86
CA PRO A 101 10.87 3.18 3.34
C PRO A 101 9.67 3.33 4.28
N LEU A 102 9.90 2.94 5.53
CA LEU A 102 8.83 2.97 6.52
C LEU A 102 8.27 4.34 6.77
N ASP A 103 9.10 5.34 6.58
CA ASP A 103 8.58 6.69 6.79
C ASP A 103 7.61 7.05 5.71
N TYR A 104 7.93 6.65 4.47
CA TYR A 104 7.06 6.92 3.33
C TYR A 104 5.78 6.09 3.47
N TYR A 105 5.95 4.81 3.84
CA TYR A 105 4.78 3.96 4.03
C TYR A 105 3.87 4.45 5.15
N ARG A 106 4.43 4.92 6.23
CA ARG A 106 3.61 5.42 7.31
C ARG A 106 2.92 6.74 6.95
N VAL A 107 3.71 7.78 6.61
CA VAL A 107 3.12 9.07 6.31
C VAL A 107 2.24 9.05 5.09
N ASN A 108 2.73 8.52 3.95
CA ASN A 108 1.91 8.53 2.76
C ASN A 108 0.78 7.50 2.72
N LEU A 109 1.15 6.26 2.93
CA LEU A 109 0.16 5.17 2.91
C LEU A 109 -0.77 5.13 4.12
N THR A 110 -0.22 4.90 5.31
CA THR A 110 -1.14 4.90 6.48
C THR A 110 -1.84 6.24 6.70
N GLY A 111 -1.15 7.37 6.42
CA GLY A 111 -1.79 8.65 6.57
C GLY A 111 -3.02 8.81 5.66
N THR A 112 -2.89 8.35 4.40
CA THR A 112 -4.02 8.51 3.50
C THR A 112 -5.15 7.49 3.85
N ILE A 113 -4.79 6.29 4.27
CA ILE A 113 -5.82 5.30 4.62
C ILE A 113 -6.68 5.88 5.74
N GLN A 114 -5.97 6.46 6.72
CA GLN A 114 -6.63 7.11 7.86
C GLN A 114 -7.52 8.25 7.41
N LEU A 115 -7.01 9.10 6.52
CA LEU A 115 -7.81 10.18 6.03
C LEU A 115 -9.06 9.64 5.30
N LEU A 116 -8.89 8.61 4.45
CA LEU A 116 -10.04 8.04 3.73
C LEU A 116 -11.07 7.45 4.71
N GLU A 117 -10.57 6.78 5.76
CA GLU A 117 -11.49 6.22 6.77
C GLU A 117 -12.30 7.31 7.47
N ILE A 118 -11.61 8.38 7.87
CA ILE A 118 -12.24 9.51 8.56
C ILE A 118 -13.21 10.19 7.66
N MET A 119 -12.83 10.28 6.39
CA MET A 119 -13.71 10.88 5.41
C MET A 119 -15.02 10.09 5.30
N LYS A 120 -14.87 8.79 5.07
CA LYS A 120 -16.03 7.93 4.93
C LYS A 120 -16.95 8.06 6.14
N ALA A 121 -16.33 7.91 7.29
CA ALA A 121 -17.06 8.00 8.54
C ALA A 121 -17.83 9.28 8.72
N HIS A 122 -17.32 10.38 8.14
CA HIS A 122 -18.01 11.67 8.27
C HIS A 122 -18.86 12.02 7.06
N GLY A 123 -19.04 11.02 6.19
CA GLY A 123 -19.85 11.23 5.02
C GLY A 123 -19.27 12.15 3.97
N VAL A 124 -17.91 12.25 3.90
CA VAL A 124 -17.27 13.10 2.89
C VAL A 124 -16.61 12.15 1.87
N LYS A 125 -17.17 12.06 0.67
CA LYS A 125 -16.62 11.10 -0.28
C LYS A 125 -16.22 11.69 -1.61
N ASN A 126 -15.61 12.87 -1.52
CA ASN A 126 -15.15 13.60 -2.68
C ASN A 126 -13.71 13.94 -2.42
N LEU A 127 -12.80 13.41 -3.24
CA LEU A 127 -11.38 13.63 -3.02
C LEU A 127 -10.59 14.03 -4.26
N VAL A 128 -9.58 14.90 -4.04
CA VAL A 128 -8.61 15.33 -5.03
C VAL A 128 -7.30 14.88 -4.42
N PHE A 129 -6.58 13.97 -5.09
CA PHE A 129 -5.34 13.41 -4.58
C PHE A 129 -4.08 13.80 -5.38
N SER A 130 -3.03 14.20 -4.68
CA SER A 130 -1.77 14.56 -5.34
C SER A 130 -0.97 13.33 -5.73
N SER A 131 -1.03 12.96 -6.99
CA SER A 131 -0.28 11.84 -7.51
C SER A 131 0.93 12.35 -8.31
N SER A 132 1.63 11.48 -9.01
CA SER A 132 2.80 11.92 -9.71
C SER A 132 3.12 11.05 -10.92
N ALA A 133 3.80 11.64 -11.89
CA ALA A 133 4.21 10.91 -13.07
C ALA A 133 5.16 9.77 -12.69
N THR A 134 5.68 9.78 -11.45
CA THR A 134 6.56 8.70 -11.08
C THR A 134 5.87 7.35 -11.04
N VAL A 135 4.55 7.37 -10.89
CA VAL A 135 3.84 6.10 -10.84
C VAL A 135 4.01 5.31 -12.14
N TYR A 136 4.31 6.02 -13.24
CA TYR A 136 4.49 5.38 -14.52
C TYR A 136 5.77 4.57 -14.55
N GLY A 137 6.70 4.84 -13.64
CA GLY A 137 7.93 4.12 -13.66
C GLY A 137 8.80 4.61 -14.82
N ASN A 138 9.81 3.85 -15.23
CA ASN A 138 10.68 4.24 -16.35
C ASN A 138 9.79 4.15 -17.59
N PRO A 139 9.58 5.27 -18.27
CA PRO A 139 8.70 5.31 -19.42
C PRO A 139 8.93 4.20 -20.42
N GLN A 140 7.85 3.58 -20.89
CA GLN A 140 8.02 2.50 -21.86
C GLN A 140 7.84 3.09 -23.25
N TYR A 141 7.26 4.27 -23.24
CA TYR A 141 6.99 5.07 -24.41
C TYR A 141 6.68 6.48 -24.00
N LEU A 142 6.68 7.36 -24.98
CA LEU A 142 6.36 8.74 -24.75
C LEU A 142 5.54 9.26 -25.90
N PRO A 143 4.73 10.28 -25.65
CA PRO A 143 4.55 10.88 -24.33
C PRO A 143 3.79 9.92 -23.40
N LEU A 144 3.79 10.19 -22.09
CA LEU A 144 3.07 9.33 -21.15
C LEU A 144 1.61 9.69 -21.05
N ASP A 145 0.75 8.77 -21.51
CA ASP A 145 -0.68 9.03 -21.42
C ASP A 145 -1.21 8.27 -20.18
N GLU A 146 -2.45 8.56 -19.79
CA GLU A 146 -2.94 7.90 -18.59
C GLU A 146 -2.97 6.40 -18.68
N ALA A 147 -3.06 5.88 -19.92
CA ALA A 147 -3.07 4.44 -20.18
C ALA A 147 -1.72 3.78 -20.05
N HIS A 148 -0.63 4.54 -19.97
CA HIS A 148 0.67 3.92 -19.80
C HIS A 148 0.68 3.10 -18.49
N PRO A 149 1.31 1.93 -18.48
CA PRO A 149 1.34 1.12 -17.28
C PRO A 149 1.85 1.86 -16.05
N THR A 150 1.26 1.48 -14.92
CA THR A 150 1.64 2.09 -13.67
C THR A 150 2.14 1.03 -12.73
N GLY A 151 2.94 1.45 -11.75
CA GLY A 151 3.44 0.44 -10.85
C GLY A 151 4.82 0.06 -11.39
N GLY A 152 5.59 -0.67 -10.64
CA GLY A 152 6.90 -0.96 -11.20
C GLY A 152 7.83 0.23 -10.95
N CYS A 153 7.46 1.08 -9.96
CA CYS A 153 8.20 2.28 -9.54
C CYS A 153 9.53 1.93 -8.93
N THR A 154 10.45 2.87 -8.91
CA THR A 154 11.76 2.57 -8.37
C THR A 154 11.88 2.72 -6.89
N ASN A 155 11.27 3.75 -6.37
CA ASN A 155 11.45 3.94 -4.98
C ASN A 155 10.17 3.88 -4.16
N PRO A 156 10.43 3.89 -2.87
CA PRO A 156 9.33 3.83 -1.94
C PRO A 156 8.40 5.00 -2.09
N TYR A 157 8.91 6.15 -2.52
CA TYR A 157 8.02 7.28 -2.68
C TYR A 157 7.01 7.03 -3.80
N GLY A 158 7.55 6.61 -4.95
CA GLY A 158 6.70 6.38 -6.08
C GLY A 158 5.77 5.20 -5.79
N LYS A 159 6.27 4.18 -5.07
CA LYS A 159 5.43 3.03 -4.75
C LYS A 159 4.26 3.46 -3.86
N SER A 160 4.56 4.36 -2.94
CA SER A 160 3.50 4.83 -2.06
C SER A 160 2.40 5.50 -2.83
N LYS A 161 2.79 6.28 -3.84
CA LYS A 161 1.81 6.97 -4.62
C LYS A 161 0.97 5.96 -5.42
N PHE A 162 1.64 4.96 -5.99
CA PHE A 162 0.95 3.98 -6.78
C PHE A 162 -0.05 3.17 -5.92
N PHE A 163 0.41 2.75 -4.73
CA PHE A 163 -0.44 2.00 -3.80
C PHE A 163 -1.66 2.84 -3.41
N ILE A 164 -1.47 4.14 -3.22
CA ILE A 164 -2.56 5.01 -2.90
C ILE A 164 -3.55 5.08 -4.04
N GLU A 165 -3.06 5.26 -5.26
CA GLU A 165 -3.96 5.30 -6.40
C GLU A 165 -4.78 3.99 -6.46
N GLU A 166 -4.10 2.86 -6.32
CA GLU A 166 -4.80 1.56 -6.37
C GLU A 166 -5.89 1.48 -5.33
N MET A 167 -5.56 1.92 -4.11
CA MET A 167 -6.55 1.89 -3.05
C MET A 167 -7.77 2.69 -3.34
N ILE A 168 -7.59 3.91 -3.82
CA ILE A 168 -8.70 4.76 -4.16
C ILE A 168 -9.54 4.19 -5.34
N ARG A 169 -8.86 3.60 -6.32
CA ARG A 169 -9.57 2.99 -7.43
C ARG A 169 -10.51 1.90 -6.87
N ASP A 170 -10.01 1.08 -5.95
CA ASP A 170 -10.81 0.01 -5.35
C ASP A 170 -11.97 0.57 -4.55
N LEU A 171 -11.70 1.63 -3.81
CA LEU A 171 -12.74 2.24 -3.04
C LEU A 171 -13.87 2.68 -3.92
N CYS A 172 -13.50 3.30 -5.05
CA CYS A 172 -14.50 3.82 -5.97
C CYS A 172 -15.33 2.71 -6.63
N GLN A 173 -14.63 1.61 -6.87
CA GLN A 173 -15.20 0.44 -7.49
C GLN A 173 -16.21 -0.16 -6.55
N ALA A 174 -15.87 -0.22 -5.28
CA ALA A 174 -16.75 -0.80 -4.29
C ALA A 174 -17.93 0.08 -3.94
N ASP A 175 -17.69 1.38 -3.91
CA ASP A 175 -18.76 2.31 -3.56
C ASP A 175 -18.91 3.37 -4.62
N LYS A 176 -19.95 3.24 -5.42
CA LYS A 176 -20.21 4.15 -6.51
C LYS A 176 -20.53 5.57 -6.09
N THR A 177 -20.73 5.76 -4.78
CA THR A 177 -21.01 7.12 -4.34
C THR A 177 -19.75 7.97 -4.18
N TRP A 178 -18.57 7.36 -4.16
CA TRP A 178 -17.33 8.14 -4.05
C TRP A 178 -17.00 8.76 -5.38
N ASN A 179 -16.39 9.94 -5.30
CA ASN A 179 -15.87 10.68 -6.43
C ASN A 179 -14.43 11.01 -6.02
N VAL A 180 -13.47 10.74 -6.91
CA VAL A 180 -12.07 11.00 -6.61
C VAL A 180 -11.34 11.31 -7.89
N VAL A 181 -10.60 12.43 -7.84
CA VAL A 181 -9.80 12.84 -8.97
C VAL A 181 -8.33 12.67 -8.58
N LEU A 182 -7.62 11.76 -9.28
CA LEU A 182 -6.21 11.52 -9.04
C LEU A 182 -5.43 12.32 -10.07
N LEU A 183 -4.59 13.26 -9.62
CA LEU A 183 -3.85 14.14 -10.55
C LEU A 183 -2.41 13.75 -10.49
N ARG A 184 -1.91 13.32 -11.64
CA ARG A 184 -0.54 12.90 -11.73
C ARG A 184 0.29 14.11 -12.14
N TYR A 185 0.90 14.80 -11.18
CA TYR A 185 1.66 15.97 -11.59
C TYR A 185 2.98 15.60 -12.28
N PHE A 186 3.44 16.49 -13.18
CA PHE A 186 4.73 16.28 -13.81
C PHE A 186 5.78 17.03 -13.01
N ASN A 187 6.49 18.02 -13.54
CA ASN A 187 7.54 18.74 -12.75
C ASN A 187 7.13 20.18 -12.45
N PRO A 188 6.42 20.41 -11.33
CA PRO A 188 5.98 21.77 -11.02
C PRO A 188 7.13 22.74 -10.78
N THR A 189 6.99 23.93 -11.36
CA THR A 189 7.98 24.98 -11.22
C THR A 189 7.31 26.35 -11.29
N GLY A 190 8.12 27.40 -11.05
CA GLY A 190 7.56 28.73 -11.10
C GLY A 190 6.99 29.18 -9.74
N ALA A 191 6.31 30.31 -9.82
CA ALA A 191 5.72 30.88 -8.61
C ALA A 191 4.59 31.81 -8.97
N HIS A 192 3.81 32.18 -7.95
CA HIS A 192 2.73 33.11 -8.12
C HIS A 192 3.34 34.38 -8.72
N ALA A 193 2.62 35.04 -9.59
CA ALA A 193 3.19 36.23 -10.24
C ALA A 193 3.55 37.41 -9.36
N SER A 194 3.01 37.45 -8.14
CA SER A 194 3.32 38.55 -7.24
C SER A 194 4.77 38.51 -6.80
N GLY A 195 5.37 37.31 -6.81
CA GLY A 195 6.73 37.08 -6.38
C GLY A 195 6.82 36.89 -4.84
N CYS A 196 5.66 36.96 -4.19
CA CYS A 196 5.59 36.82 -2.76
C CYS A 196 5.67 35.43 -2.21
N ILE A 197 5.30 34.44 -2.99
CA ILE A 197 5.38 33.07 -2.49
C ILE A 197 6.03 32.25 -3.59
N GLY A 198 6.55 31.09 -3.20
CA GLY A 198 7.20 30.18 -4.12
C GLY A 198 7.68 28.97 -3.37
N GLU A 199 8.49 28.17 -4.04
CA GLU A 199 9.04 26.99 -3.48
C GLU A 199 10.11 27.43 -2.51
N ASP A 200 10.03 26.90 -1.30
CA ASP A 200 10.93 27.28 -0.22
C ASP A 200 11.70 26.13 0.38
N PRO A 201 12.65 25.59 -0.35
CA PRO A 201 13.42 24.46 0.13
C PRO A 201 14.33 24.80 1.31
N GLN A 202 14.51 23.84 2.21
CA GLN A 202 15.39 24.02 3.36
C GLN A 202 16.68 23.29 3.06
N GLY A 203 17.80 24.00 3.07
CA GLY A 203 19.05 23.32 2.77
C GLY A 203 19.32 23.25 1.27
N ILE A 204 20.20 22.33 0.90
CA ILE A 204 20.54 22.20 -0.51
C ILE A 204 19.37 21.56 -1.25
N PRO A 205 18.85 22.29 -2.21
CA PRO A 205 17.73 21.79 -2.99
C PRO A 205 18.03 20.48 -3.72
N ASN A 206 17.08 19.56 -3.68
CA ASN A 206 17.26 18.29 -4.34
C ASN A 206 16.74 18.33 -5.78
N ASN A 207 15.88 19.30 -6.05
CA ASN A 207 15.29 19.50 -7.35
C ASN A 207 16.01 20.54 -8.17
N LEU A 208 15.87 20.43 -9.48
CA LEU A 208 16.56 21.30 -10.43
C LEU A 208 16.42 22.80 -10.29
N MET A 209 15.21 23.25 -10.50
CA MET A 209 14.89 24.64 -10.57
C MET A 209 15.34 25.51 -9.42
N PRO A 210 15.04 25.08 -8.20
CA PRO A 210 15.49 25.89 -7.06
C PRO A 210 17.01 25.98 -6.99
N TYR A 211 17.69 24.93 -7.41
CA TYR A 211 19.11 24.94 -7.42
C TYR A 211 19.58 25.93 -8.46
N VAL A 212 18.98 25.87 -9.64
CA VAL A 212 19.39 26.83 -10.66
C VAL A 212 19.15 28.27 -10.21
N SER A 213 17.98 28.53 -9.65
CA SER A 213 17.72 29.89 -9.22
C SER A 213 18.69 30.31 -8.12
N GLN A 214 19.09 29.37 -7.31
CA GLN A 214 20.00 29.71 -6.22
C GLN A 214 21.37 30.09 -6.75
N VAL A 215 21.74 29.48 -7.87
CA VAL A 215 22.99 29.78 -8.51
C VAL A 215 22.87 31.17 -9.12
N ALA A 216 21.79 31.36 -9.87
CA ALA A 216 21.59 32.64 -10.50
C ALA A 216 21.56 33.78 -9.49
N ILE A 217 21.01 33.57 -8.29
CA ILE A 217 20.94 34.65 -7.30
C ILE A 217 22.29 34.87 -6.64
N GLY A 218 23.21 33.90 -6.81
CA GLY A 218 24.53 34.03 -6.24
C GLY A 218 24.79 33.29 -4.92
N ARG A 219 23.87 32.43 -4.51
CA ARG A 219 24.00 31.64 -3.28
C ARG A 219 24.87 30.42 -3.46
N ARG A 220 24.75 29.81 -4.65
CA ARG A 220 25.47 28.63 -5.06
C ARG A 220 26.42 29.00 -6.20
N GLU A 221 27.58 28.33 -6.20
CA GLU A 221 28.69 28.50 -7.14
C GLU A 221 28.31 28.11 -8.57
N ALA A 222 27.92 26.84 -8.73
CA ALA A 222 27.55 26.31 -10.02
C ALA A 222 26.53 25.20 -9.91
N LEU A 223 25.78 24.96 -10.97
CA LEU A 223 24.83 23.87 -10.97
C LEU A 223 25.56 22.57 -11.21
N ASN A 224 25.22 21.50 -10.48
CA ASN A 224 25.81 20.21 -10.72
C ASN A 224 24.81 19.50 -11.63
N VAL A 225 25.19 19.18 -12.85
CA VAL A 225 24.30 18.52 -13.80
C VAL A 225 24.46 17.01 -13.65
N PHE A 226 23.38 16.32 -13.27
CA PHE A 226 23.46 14.87 -13.04
C PHE A 226 23.54 13.99 -14.27
N GLY A 227 24.68 13.98 -14.93
CA GLY A 227 24.78 13.13 -16.10
C GLY A 227 24.42 13.86 -17.36
N ASN A 228 25.17 13.56 -18.43
CA ASN A 228 24.97 14.18 -19.73
C ASN A 228 25.09 13.13 -20.81
N ASP A 229 24.97 11.87 -20.40
CA ASP A 229 25.07 10.79 -21.33
C ASP A 229 23.74 10.07 -21.52
N TYR A 230 22.65 10.78 -21.32
CA TYR A 230 21.39 10.09 -21.50
C TYR A 230 21.07 10.08 -22.98
N ASP A 231 20.13 9.24 -23.38
CA ASP A 231 19.71 9.19 -24.75
C ASP A 231 18.63 10.25 -24.99
N THR A 232 19.07 11.51 -25.05
CA THR A 232 18.22 12.65 -25.29
C THR A 232 19.06 13.56 -26.18
N GLU A 233 18.43 14.56 -26.80
CA GLU A 233 19.10 15.47 -27.70
C GLU A 233 20.44 15.96 -27.20
N ASP A 234 20.48 16.54 -26.01
CA ASP A 234 21.75 17.04 -25.47
C ASP A 234 22.42 16.16 -24.43
N GLY A 235 21.82 14.99 -24.16
CA GLY A 235 22.41 14.09 -23.20
C GLY A 235 21.91 14.31 -21.78
N THR A 236 21.25 15.45 -21.55
CA THR A 236 20.77 15.72 -20.20
C THR A 236 19.33 15.30 -20.03
N GLY A 237 18.89 15.08 -18.80
CA GLY A 237 17.52 14.65 -18.61
C GLY A 237 16.48 15.62 -19.13
N VAL A 238 15.36 15.06 -19.62
CA VAL A 238 14.26 15.83 -20.17
C VAL A 238 13.02 15.68 -19.29
N ARG A 239 12.37 16.78 -18.99
CA ARG A 239 11.17 16.74 -18.13
C ARG A 239 10.14 17.72 -18.58
N ASP A 240 8.88 17.46 -18.20
CA ASP A 240 7.81 18.34 -18.54
C ASP A 240 7.61 19.30 -17.38
N TYR A 241 8.14 20.50 -17.50
CA TYR A 241 8.01 21.48 -16.42
C TYR A 241 6.68 22.17 -16.56
N ILE A 242 5.91 22.28 -15.48
CA ILE A 242 4.62 22.91 -15.52
C ILE A 242 4.54 23.97 -14.44
N HIS A 243 4.04 25.13 -14.82
CA HIS A 243 3.88 26.26 -13.93
C HIS A 243 2.93 25.89 -12.75
N VAL A 244 3.42 26.10 -11.52
CA VAL A 244 2.67 25.81 -10.29
C VAL A 244 1.31 26.49 -10.29
N VAL A 245 1.19 27.68 -10.91
CA VAL A 245 -0.09 28.36 -10.95
C VAL A 245 -1.10 27.58 -11.81
N ASP A 246 -0.63 27.03 -12.93
CA ASP A 246 -1.46 26.24 -13.81
C ASP A 246 -1.89 24.97 -13.07
N LEU A 247 -0.89 24.40 -12.41
CA LEU A 247 -1.12 23.19 -11.63
C LEU A 247 -2.19 23.45 -10.57
N ALA A 248 -2.05 24.57 -9.86
CA ALA A 248 -2.99 24.91 -8.83
C ALA A 248 -4.38 25.07 -9.39
N LYS A 249 -4.49 25.74 -10.54
CA LYS A 249 -5.78 25.94 -11.19
C LYS A 249 -6.40 24.60 -11.63
N GLY A 250 -5.54 23.62 -11.93
CA GLY A 250 -6.02 22.29 -12.32
C GLY A 250 -6.79 21.65 -11.16
N HIS A 251 -6.54 22.09 -9.91
CA HIS A 251 -7.23 21.57 -8.71
C HIS A 251 -8.65 22.11 -8.65
N ILE A 252 -8.84 23.33 -9.14
CA ILE A 252 -10.15 23.96 -9.20
C ILE A 252 -11.00 23.19 -10.22
N ALA A 253 -10.37 22.82 -11.31
CA ALA A 253 -11.01 22.06 -12.37
C ALA A 253 -11.41 20.69 -11.79
N ALA A 254 -10.54 20.12 -10.97
CA ALA A 254 -10.83 18.84 -10.34
C ALA A 254 -12.06 18.96 -9.44
N LEU A 255 -12.19 20.04 -8.64
CA LEU A 255 -13.35 20.17 -7.79
C LEU A 255 -14.59 20.23 -8.63
N ARG A 256 -14.48 20.87 -9.79
CA ARG A 256 -15.66 20.96 -10.64
C ARG A 256 -16.06 19.58 -11.13
N LYS A 257 -15.05 18.77 -11.42
CA LYS A 257 -15.24 17.42 -11.91
C LYS A 257 -15.97 16.58 -10.90
N LEU A 258 -15.61 16.74 -9.63
CA LEU A 258 -16.23 15.99 -8.55
C LEU A 258 -17.73 16.28 -8.49
N LYS A 259 -18.06 17.55 -8.70
CA LYS A 259 -19.43 17.99 -8.69
C LYS A 259 -20.28 17.33 -9.78
N GLU A 260 -19.62 16.67 -10.73
CA GLU A 260 -20.31 15.98 -11.80
C GLU A 260 -20.57 14.53 -11.42
N GLN A 261 -20.29 14.14 -10.17
CA GLN A 261 -20.47 12.79 -9.73
C GLN A 261 -19.68 11.91 -10.69
N CYS A 262 -18.42 12.26 -10.85
CA CYS A 262 -17.56 11.58 -11.79
C CYS A 262 -16.99 10.20 -11.44
N GLY A 263 -17.10 9.73 -10.19
CA GLY A 263 -16.49 8.45 -9.90
C GLY A 263 -15.01 8.66 -9.77
N CYS A 264 -14.25 7.64 -10.09
CA CYS A 264 -12.82 7.76 -10.01
C CYS A 264 -12.32 8.23 -11.37
N ARG A 265 -11.50 9.28 -11.45
CA ARG A 265 -10.96 9.81 -12.71
C ARG A 265 -9.49 10.07 -12.46
N ILE A 266 -8.67 9.90 -13.48
CA ILE A 266 -7.24 10.07 -13.34
C ILE A 266 -6.74 10.96 -14.46
N TYR A 267 -6.03 12.01 -14.10
CA TYR A 267 -5.53 12.94 -15.11
C TYR A 267 -4.08 13.37 -14.92
N ASN A 268 -3.36 13.44 -16.03
CA ASN A 268 -2.01 13.94 -15.98
C ASN A 268 -2.08 15.43 -15.88
N LEU A 269 -1.18 16.06 -15.14
CA LEU A 269 -1.17 17.53 -15.11
C LEU A 269 0.23 17.92 -15.56
N GLY A 270 0.37 18.20 -16.86
CA GLY A 270 1.64 18.57 -17.49
C GLY A 270 1.36 19.47 -18.69
N THR A 271 2.42 19.95 -19.34
CA THR A 271 2.20 20.83 -20.50
C THR A 271 2.29 20.06 -21.82
N GLY A 272 2.92 18.91 -21.77
CA GLY A 272 3.11 18.09 -22.95
C GLY A 272 4.44 18.47 -23.61
N THR A 273 5.17 19.45 -23.07
CA THR A 273 6.45 19.83 -23.66
C THR A 273 7.55 19.52 -22.70
N GLY A 274 8.59 18.79 -23.14
CA GLY A 274 9.76 18.40 -22.38
C GLY A 274 10.94 19.35 -22.70
N TYR A 275 11.70 19.72 -21.66
CA TYR A 275 12.89 20.58 -21.74
C TYR A 275 14.04 19.88 -21.04
N SER A 276 15.27 19.99 -21.56
CA SER A 276 16.42 19.37 -20.95
C SER A 276 16.98 20.24 -19.85
N VAL A 277 17.89 19.66 -19.08
CA VAL A 277 18.55 20.39 -18.01
C VAL A 277 19.18 21.67 -18.57
N LEU A 278 19.98 21.52 -19.63
CA LEU A 278 20.64 22.66 -20.25
C LEU A 278 19.66 23.68 -20.79
N GLN A 279 18.54 23.22 -21.32
CA GLN A 279 17.60 24.18 -21.80
C GLN A 279 17.01 25.02 -20.65
N MET A 280 16.81 24.38 -19.48
CA MET A 280 16.29 25.10 -18.34
C MET A 280 17.31 26.14 -17.85
N VAL A 281 18.59 25.74 -17.81
CA VAL A 281 19.63 26.69 -17.40
C VAL A 281 19.62 27.91 -18.32
N GLN A 282 19.56 27.64 -19.60
CA GLN A 282 19.54 28.72 -20.54
C GLN A 282 18.36 29.63 -20.35
N ALA A 283 17.18 29.03 -20.10
CA ALA A 283 16.01 29.85 -19.92
C ALA A 283 16.13 30.75 -18.66
N MET A 284 16.84 30.18 -17.68
CA MET A 284 17.04 30.86 -16.40
C MET A 284 18.05 31.96 -16.57
N GLU A 285 19.01 31.75 -17.46
CA GLU A 285 20.00 32.81 -17.78
C GLU A 285 19.25 33.97 -18.41
N LYS A 286 18.35 33.63 -19.34
CA LYS A 286 17.54 34.65 -19.98
C LYS A 286 16.63 35.40 -19.00
N ALA A 287 16.02 34.67 -18.06
CA ALA A 287 15.12 35.36 -17.15
C ALA A 287 15.81 36.25 -16.13
N SER A 288 16.91 35.74 -15.63
CA SER A 288 17.70 36.37 -14.59
C SER A 288 18.65 37.44 -15.05
N GLY A 289 19.06 37.32 -16.30
CA GLY A 289 20.01 38.24 -16.92
C GLY A 289 21.40 37.96 -16.35
N LYS A 290 21.62 36.73 -15.88
CA LYS A 290 22.88 36.33 -15.29
C LYS A 290 23.39 35.04 -15.87
N LYS A 291 24.71 34.87 -15.94
CA LYS A 291 25.27 33.64 -16.46
C LYS A 291 25.11 32.62 -15.36
N ILE A 292 24.80 31.37 -15.71
CA ILE A 292 24.58 30.31 -14.74
C ILE A 292 25.50 29.15 -14.96
N PRO A 293 26.59 29.14 -14.26
CA PRO A 293 27.52 28.07 -14.46
C PRO A 293 27.04 26.76 -13.91
N TYR A 294 27.68 25.72 -14.43
CA TYR A 294 27.40 24.38 -14.00
C TYR A 294 28.51 23.45 -14.37
N LYS A 295 28.51 22.31 -13.71
CA LYS A 295 29.48 21.26 -13.89
C LYS A 295 28.75 19.93 -14.04
N VAL A 296 29.22 19.09 -14.97
CA VAL A 296 28.62 17.77 -15.18
C VAL A 296 29.21 16.76 -14.22
N VAL A 297 28.35 16.09 -13.51
CA VAL A 297 28.77 15.11 -12.55
C VAL A 297 28.09 13.80 -12.89
N ALA A 298 28.32 12.82 -12.04
CA ALA A 298 27.76 11.51 -12.20
C ALA A 298 26.23 11.52 -12.21
N ARG A 299 25.66 10.45 -12.77
CA ARG A 299 24.23 10.25 -12.87
C ARG A 299 23.63 10.10 -11.47
N ARG A 300 22.38 10.53 -11.31
CA ARG A 300 21.74 10.38 -10.02
C ARG A 300 20.96 9.10 -10.05
N GLU A 301 21.22 8.22 -9.09
CA GLU A 301 20.54 6.95 -9.04
C GLU A 301 19.05 7.03 -9.24
N GLY A 302 18.54 6.22 -10.14
CA GLY A 302 17.12 6.17 -10.41
C GLY A 302 16.57 7.16 -11.43
N ASP A 303 17.37 8.14 -11.85
CA ASP A 303 16.89 9.11 -12.81
C ASP A 303 16.51 8.53 -14.15
N VAL A 304 15.39 9.00 -14.72
CA VAL A 304 14.98 8.55 -16.03
C VAL A 304 15.56 9.48 -17.09
N ALA A 305 15.73 9.01 -18.33
CA ALA A 305 16.26 9.85 -19.38
C ALA A 305 15.34 11.01 -19.75
N ALA A 306 14.10 10.66 -20.05
CA ALA A 306 13.12 11.62 -20.45
C ALA A 306 11.72 11.27 -19.96
N CYS A 307 10.95 12.27 -19.62
CA CYS A 307 9.60 12.07 -19.17
C CYS A 307 8.79 13.31 -19.52
N TYR A 308 7.64 13.17 -20.12
CA TYR A 308 6.76 14.27 -20.45
C TYR A 308 5.35 13.72 -20.67
N ALA A 309 4.37 14.54 -20.46
CA ALA A 309 3.00 14.11 -20.54
C ALA A 309 2.25 14.20 -21.83
N ASN A 310 1.13 13.48 -21.88
CA ASN A 310 0.19 13.62 -22.95
C ASN A 310 -0.94 14.29 -22.18
N PRO A 311 -1.14 15.58 -22.38
CA PRO A 311 -2.13 16.36 -21.66
C PRO A 311 -3.52 16.46 -22.26
N SER A 312 -3.79 15.65 -23.29
CA SER A 312 -5.08 15.71 -23.94
C SER A 312 -6.28 15.32 -23.09
N LEU A 313 -6.15 14.24 -22.33
CA LEU A 313 -7.27 13.81 -21.49
C LEU A 313 -7.72 14.93 -20.57
N ALA A 314 -6.73 15.60 -19.94
CA ALA A 314 -7.07 16.68 -19.02
C ALA A 314 -7.74 17.83 -19.74
N GLN A 315 -7.24 18.11 -20.95
CA GLN A 315 -7.86 19.20 -21.66
C GLN A 315 -9.34 18.94 -21.92
N GLU A 316 -9.55 17.71 -22.37
CA GLU A 316 -10.85 17.26 -22.75
C GLU A 316 -11.87 17.09 -21.67
N GLU A 317 -11.50 16.31 -20.66
CA GLU A 317 -12.41 15.99 -19.58
C GLU A 317 -12.40 16.98 -18.43
N LEU A 318 -11.22 17.48 -18.12
CA LEU A 318 -11.15 18.41 -17.02
C LEU A 318 -11.46 19.80 -17.46
N GLY A 319 -11.28 20.07 -18.76
CA GLY A 319 -11.55 21.40 -19.24
C GLY A 319 -10.43 22.30 -18.74
N TRP A 320 -9.23 21.76 -18.73
CA TRP A 320 -8.10 22.51 -18.23
C TRP A 320 -6.87 22.37 -19.08
N THR A 321 -6.11 23.45 -19.19
CA THR A 321 -4.87 23.42 -19.92
C THR A 321 -3.81 24.27 -19.23
N ALA A 322 -2.56 23.85 -19.41
CA ALA A 322 -1.44 24.60 -18.85
C ALA A 322 -1.06 25.76 -19.78
N ALA A 323 -1.58 26.91 -19.40
CA ALA A 323 -1.46 28.14 -20.10
C ALA A 323 -0.06 28.76 -20.12
N LEU A 324 0.66 28.66 -19.02
CA LEU A 324 1.97 29.28 -18.92
C LEU A 324 3.16 28.58 -19.54
N GLY A 325 3.93 29.35 -20.30
CA GLY A 325 5.09 28.79 -20.96
C GLY A 325 6.36 28.88 -20.16
N LEU A 326 7.40 28.35 -20.77
CA LEU A 326 8.72 28.31 -20.22
C LEU A 326 9.22 29.65 -19.75
N ASP A 327 9.09 30.70 -20.57
CA ASP A 327 9.63 31.98 -20.11
C ASP A 327 8.92 32.50 -18.88
N ARG A 328 7.59 32.34 -18.87
CA ARG A 328 6.80 32.78 -17.74
C ARG A 328 7.25 32.07 -16.46
N MET A 329 7.49 30.75 -16.58
CA MET A 329 7.92 29.91 -15.48
C MET A 329 9.23 30.42 -14.93
N CYS A 330 10.14 30.72 -15.83
CA CYS A 330 11.44 31.23 -15.43
C CYS A 330 11.37 32.64 -14.85
N GLU A 331 10.60 33.48 -15.50
CA GLU A 331 10.47 34.83 -14.99
C GLU A 331 9.81 34.84 -13.59
N ASP A 332 8.82 33.95 -13.39
CA ASP A 332 8.11 33.91 -12.10
C ASP A 332 8.95 33.37 -10.98
N LEU A 333 9.75 32.38 -11.33
CA LEU A 333 10.66 31.77 -10.40
C LEU A 333 11.71 32.81 -9.98
N TRP A 334 12.20 33.53 -10.96
CA TRP A 334 13.23 34.54 -10.73
C TRP A 334 12.72 35.64 -9.84
N ARG A 335 11.51 36.11 -10.11
CA ARG A 335 10.97 37.18 -9.31
C ARG A 335 10.91 36.76 -7.84
N TRP A 336 10.43 35.55 -7.57
CA TRP A 336 10.32 35.04 -6.21
C TRP A 336 11.68 34.93 -5.56
N GLN A 337 12.61 34.41 -6.31
CA GLN A 337 13.93 34.23 -5.80
C GLN A 337 14.68 35.55 -5.52
N LYS A 338 14.45 36.50 -6.38
CA LYS A 338 15.10 37.77 -6.25
C LYS A 338 14.50 38.55 -5.13
N GLN A 339 13.19 38.60 -5.07
CA GLN A 339 12.56 39.33 -4.00
C GLN A 339 12.74 38.65 -2.63
N ASN A 340 13.06 37.35 -2.64
CA ASN A 340 13.22 36.61 -1.42
C ASN A 340 14.42 35.71 -1.47
N PRO A 341 15.56 36.36 -1.46
CA PRO A 341 16.84 35.73 -1.53
C PRO A 341 17.07 34.51 -0.65
N SER A 342 16.43 34.54 0.49
CA SER A 342 16.60 33.43 1.40
C SER A 342 15.26 32.71 1.67
N GLY A 343 14.33 32.78 0.73
CA GLY A 343 13.08 32.09 0.95
C GLY A 343 12.20 32.84 1.90
N PHE A 344 11.34 32.12 2.60
CA PHE A 344 10.42 32.78 3.55
C PHE A 344 11.13 33.12 4.86
N GLY A 345 10.66 34.19 5.47
CA GLY A 345 11.16 34.65 6.75
C GLY A 345 9.98 35.27 7.49
N THR A 346 10.06 35.30 8.81
CA THR A 346 8.97 35.91 9.53
C THR A 346 8.98 37.40 9.25
N GLN A 347 7.84 38.05 9.40
CA GLN A 347 7.76 39.49 9.16
C GLN A 347 8.74 40.27 10.01
N ALA A 348 9.36 41.30 9.40
CA ALA A 348 10.32 42.14 10.10
C ALA A 348 9.69 42.99 11.19
N ALA B 2 15.06 -12.03 21.69
CA ALA B 2 16.15 -12.81 22.26
C ALA B 2 15.85 -14.29 22.18
N GLU B 3 14.74 -14.68 22.78
CA GLU B 3 14.37 -16.06 22.78
C GLU B 3 13.08 -16.33 22.04
N LYS B 4 12.02 -15.68 22.52
CA LYS B 4 10.68 -15.87 22.02
C LYS B 4 10.38 -15.52 20.58
N VAL B 5 9.35 -16.18 20.07
CA VAL B 5 8.86 -15.91 18.74
C VAL B 5 7.46 -15.36 18.93
N LEU B 6 7.23 -14.18 18.36
CA LEU B 6 5.92 -13.61 18.44
C LEU B 6 5.08 -14.16 17.29
N VAL B 7 3.87 -14.58 17.58
CA VAL B 7 2.98 -15.09 16.55
C VAL B 7 1.71 -14.24 16.53
N THR B 8 1.55 -13.39 15.52
CA THR B 8 0.35 -12.59 15.41
C THR B 8 -0.77 -13.43 14.78
N GLY B 9 -2.02 -13.19 15.17
CA GLY B 9 -3.16 -13.93 14.62
C GLY B 9 -3.03 -15.43 14.90
N GLY B 10 -2.32 -15.77 15.99
CA GLY B 10 -2.04 -17.15 16.37
C GLY B 10 -3.23 -17.99 16.80
N ALA B 11 -4.36 -17.36 16.98
CA ALA B 11 -5.51 -18.13 17.37
C ALA B 11 -6.26 -18.65 16.15
N GLY B 12 -5.87 -18.19 14.96
CA GLY B 12 -6.58 -18.57 13.75
C GLY B 12 -6.23 -19.98 13.26
N TYR B 13 -6.73 -20.26 12.05
CA TYR B 13 -6.54 -21.61 11.51
C TYR B 13 -5.09 -22.04 11.34
N ILE B 14 -4.37 -21.29 10.48
CA ILE B 14 -2.98 -21.62 10.21
C ILE B 14 -2.10 -21.34 11.40
N GLY B 15 -2.38 -20.17 12.02
CA GLY B 15 -1.61 -19.76 13.20
C GLY B 15 -1.65 -20.76 14.36
N SER B 16 -2.84 -21.28 14.69
CA SER B 16 -2.98 -22.25 15.80
C SER B 16 -2.20 -23.55 15.49
N HIS B 17 -2.29 -23.99 14.25
CA HIS B 17 -1.51 -25.16 13.88
C HIS B 17 0.00 -24.87 13.98
N THR B 18 0.38 -23.64 13.64
CA THR B 18 1.78 -23.27 13.71
C THR B 18 2.25 -23.16 15.16
N VAL B 19 1.39 -22.61 16.03
CA VAL B 19 1.74 -22.53 17.45
C VAL B 19 2.03 -23.93 17.98
N LEU B 20 1.17 -24.87 17.56
CA LEU B 20 1.34 -26.27 17.96
C LEU B 20 2.70 -26.80 17.51
N GLU B 21 3.04 -26.56 16.24
CA GLU B 21 4.31 -27.04 15.72
C GLU B 21 5.49 -26.40 16.42
N LEU B 22 5.34 -25.11 16.71
CA LEU B 22 6.41 -24.38 17.42
C LEU B 22 6.67 -25.00 18.78
N LEU B 23 5.60 -25.22 19.52
CA LEU B 23 5.75 -25.80 20.82
C LEU B 23 6.41 -27.18 20.76
N GLU B 24 5.99 -28.03 19.80
CA GLU B 24 6.56 -29.37 19.69
C GLU B 24 8.01 -29.35 19.28
N ALA B 25 8.43 -28.29 18.57
CA ALA B 25 9.80 -28.18 18.11
C ALA B 25 10.67 -27.54 19.17
N GLY B 26 10.10 -27.16 20.28
CA GLY B 26 10.94 -26.59 21.30
C GLY B 26 11.03 -25.06 21.33
N TYR B 27 10.22 -24.38 20.53
CA TYR B 27 10.20 -22.94 20.50
C TYR B 27 9.24 -22.43 21.57
N LEU B 28 9.38 -21.15 21.93
CA LEU B 28 8.52 -20.52 22.93
C LEU B 28 7.81 -19.39 22.24
N PRO B 29 6.57 -19.61 21.99
CA PRO B 29 5.82 -18.58 21.32
C PRO B 29 5.09 -17.69 22.30
N VAL B 30 4.80 -16.52 21.78
CA VAL B 30 4.00 -15.53 22.44
C VAL B 30 2.96 -15.23 21.37
N VAL B 31 1.70 -15.49 21.67
CA VAL B 31 0.67 -15.26 20.69
C VAL B 31 -0.22 -14.09 20.98
N ILE B 32 -0.54 -13.33 19.96
CA ILE B 32 -1.47 -12.21 20.05
C ILE B 32 -2.62 -12.39 19.03
N ASP B 33 -3.79 -11.95 19.38
CA ASP B 33 -4.95 -12.04 18.54
C ASP B 33 -6.04 -11.19 19.15
N ASN B 34 -6.92 -10.64 18.31
CA ASN B 34 -7.99 -9.78 18.75
C ASN B 34 -9.35 -10.43 18.67
N PHE B 35 -9.37 -11.75 18.35
CA PHE B 35 -10.62 -12.53 18.25
C PHE B 35 -11.52 -12.12 17.10
N HIS B 36 -11.00 -11.35 16.14
CA HIS B 36 -11.83 -10.95 15.03
C HIS B 36 -12.39 -12.18 14.31
N ASN B 37 -11.59 -13.22 14.23
CA ASN B 37 -12.03 -14.41 13.53
C ASN B 37 -11.57 -15.64 14.28
N ALA B 38 -11.70 -15.58 15.60
CA ALA B 38 -11.30 -16.71 16.45
C ALA B 38 -12.33 -16.84 17.55
N PHE B 39 -12.53 -18.07 18.01
CA PHE B 39 -13.52 -18.34 19.05
C PHE B 39 -12.96 -18.30 20.45
N ARG B 40 -13.68 -17.59 21.28
CA ARG B 40 -13.29 -17.44 22.66
C ARG B 40 -13.60 -18.67 23.51
N GLY B 41 -12.61 -19.17 24.21
CA GLY B 41 -12.80 -20.35 25.05
C GLY B 41 -13.53 -19.97 26.34
N GLY B 42 -13.57 -20.86 27.31
CA GLY B 42 -14.24 -20.54 28.56
C GLY B 42 -13.33 -19.74 29.51
N GLY B 43 -12.03 -19.66 29.16
CA GLY B 43 -10.99 -18.97 29.93
C GLY B 43 -10.28 -17.84 29.18
N SER B 44 -8.99 -17.66 29.46
CA SER B 44 -8.21 -16.62 28.84
C SER B 44 -7.96 -16.86 27.36
N LEU B 45 -7.44 -18.05 27.09
CA LEU B 45 -7.10 -18.48 25.76
C LEU B 45 -8.28 -18.67 24.83
N PRO B 46 -8.00 -18.45 23.55
CA PRO B 46 -9.00 -18.71 22.53
C PRO B 46 -9.11 -20.26 22.57
N GLU B 47 -10.28 -20.80 22.25
CA GLU B 47 -10.45 -22.28 22.30
C GLU B 47 -9.37 -23.10 21.54
N SER B 48 -9.01 -22.61 20.33
CA SER B 48 -8.00 -23.30 19.54
C SER B 48 -6.72 -23.46 20.31
N LEU B 49 -6.33 -22.37 20.97
CA LEU B 49 -5.08 -22.37 21.74
C LEU B 49 -5.21 -23.20 23.02
N ARG B 50 -6.41 -23.11 23.60
CA ARG B 50 -6.63 -23.90 24.81
C ARG B 50 -6.41 -25.39 24.46
N ARG B 51 -6.94 -25.78 23.29
CA ARG B 51 -6.77 -27.15 22.82
C ARG B 51 -5.32 -27.47 22.44
N VAL B 52 -4.63 -26.51 21.82
CA VAL B 52 -3.22 -26.76 21.50
C VAL B 52 -2.42 -27.03 22.78
N GLN B 53 -2.76 -26.27 23.82
CA GLN B 53 -2.09 -26.43 25.11
C GLN B 53 -2.28 -27.86 25.62
N GLU B 54 -3.54 -28.31 25.62
CA GLU B 54 -3.90 -29.65 26.04
C GLU B 54 -3.19 -30.67 25.16
N LEU B 55 -3.18 -30.46 23.83
CA LEU B 55 -2.53 -31.40 22.93
C LEU B 55 -1.04 -31.51 23.13
N THR B 56 -0.37 -30.38 23.36
CA THR B 56 1.08 -30.46 23.51
C THR B 56 1.56 -30.67 24.93
N GLY B 57 0.69 -30.34 25.87
CA GLY B 57 1.12 -30.46 27.24
C GLY B 57 2.13 -29.34 27.55
N ARG B 58 2.07 -28.24 26.80
CA ARG B 58 2.94 -27.12 26.97
C ARG B 58 2.13 -25.88 27.10
N SER B 59 2.64 -24.91 27.84
CA SER B 59 1.81 -23.73 28.00
C SER B 59 1.85 -22.75 26.85
N VAL B 60 0.71 -22.11 26.63
CA VAL B 60 0.57 -21.11 25.58
C VAL B 60 0.52 -19.71 26.19
N GLU B 61 1.54 -18.91 25.89
CA GLU B 61 1.62 -17.54 26.36
C GLU B 61 0.83 -16.69 25.39
N PHE B 62 -0.23 -16.06 25.83
CA PHE B 62 -1.10 -15.28 24.99
C PHE B 62 -1.50 -13.95 25.54
N GLU B 63 -1.75 -13.01 24.65
CA GLU B 63 -2.18 -11.69 25.02
C GLU B 63 -3.26 -11.21 24.07
N GLU B 64 -4.45 -10.87 24.53
CA GLU B 64 -5.48 -10.39 23.64
C GLU B 64 -5.18 -8.97 23.24
N MET B 65 -4.95 -8.72 21.96
CA MET B 65 -4.66 -7.37 21.49
C MET B 65 -4.74 -7.27 19.98
N ASP B 66 -4.85 -6.02 19.51
CA ASP B 66 -4.95 -5.69 18.10
C ASP B 66 -3.64 -5.10 17.55
N ILE B 67 -3.16 -5.57 16.39
CA ILE B 67 -1.93 -5.02 15.82
C ILE B 67 -2.04 -3.54 15.48
N LEU B 68 -3.24 -3.04 15.40
CA LEU B 68 -3.46 -1.63 15.09
C LEU B 68 -3.30 -0.74 16.32
N ASP B 69 -3.08 -1.36 17.46
CA ASP B 69 -2.94 -0.61 18.70
C ASP B 69 -1.46 -0.41 19.02
N GLN B 70 -0.92 0.79 18.67
CA GLN B 70 0.51 1.06 18.94
C GLN B 70 0.90 0.93 20.39
N GLY B 71 -0.01 1.42 21.26
CA GLY B 71 0.22 1.39 22.69
C GLY B 71 0.45 -0.02 23.17
N ALA B 72 -0.45 -0.92 22.75
CA ALA B 72 -0.34 -2.33 23.11
C ALA B 72 0.90 -2.97 22.52
N LEU B 73 1.25 -2.59 21.26
CA LEU B 73 2.44 -3.13 20.62
C LEU B 73 3.68 -2.74 21.41
N GLN B 74 3.69 -1.45 21.81
CA GLN B 74 4.82 -0.98 22.61
C GLN B 74 4.98 -1.73 23.90
N ARG B 75 3.84 -1.91 24.56
CA ARG B 75 3.92 -2.65 25.82
C ARG B 75 4.39 -4.07 25.60
N LEU B 76 3.88 -4.69 24.52
CA LEU B 76 4.24 -6.06 24.24
C LEU B 76 5.74 -6.26 24.01
N PHE B 77 6.29 -5.35 23.19
CA PHE B 77 7.69 -5.40 22.85
C PHE B 77 8.59 -5.04 24.03
N LYS B 78 8.01 -4.35 25.02
CA LYS B 78 8.84 -4.06 26.18
C LYS B 78 8.86 -5.26 27.10
N LYS B 79 7.69 -5.89 27.22
CA LYS B 79 7.54 -7.06 28.10
C LYS B 79 8.33 -8.28 27.75
N TYR B 80 8.38 -8.60 26.46
CA TYR B 80 9.14 -9.74 26.00
C TYR B 80 10.29 -9.36 25.09
N SER B 81 11.25 -10.29 25.01
CA SER B 81 12.41 -10.20 24.18
C SER B 81 12.17 -11.15 23.03
N PHE B 82 11.79 -10.61 21.90
CA PHE B 82 11.55 -11.52 20.80
C PHE B 82 12.75 -11.62 19.91
N MET B 83 12.87 -12.76 19.25
CA MET B 83 13.95 -12.95 18.29
C MET B 83 13.37 -12.95 16.86
N ALA B 84 12.06 -13.16 16.71
CA ALA B 84 11.44 -13.19 15.40
C ALA B 84 9.94 -13.06 15.54
N VAL B 85 9.28 -12.70 14.46
CA VAL B 85 7.84 -12.54 14.44
C VAL B 85 7.29 -13.27 13.23
N ILE B 86 6.23 -14.06 13.47
CA ILE B 86 5.50 -14.76 12.42
C ILE B 86 4.17 -14.03 12.36
N HIS B 87 3.92 -13.40 11.23
CA HIS B 87 2.77 -12.56 11.08
C HIS B 87 1.58 -13.12 10.32
N PHE B 88 0.63 -13.70 11.06
CA PHE B 88 -0.59 -14.26 10.45
C PHE B 88 -1.79 -13.33 10.49
N ALA B 89 -1.79 -12.38 11.43
CA ALA B 89 -2.91 -11.47 11.61
C ALA B 89 -3.27 -10.67 10.40
N GLY B 90 -4.56 -10.69 10.07
CA GLY B 90 -5.07 -9.95 8.95
C GLY B 90 -6.48 -10.40 8.63
N LEU B 91 -7.07 -9.70 7.67
CA LEU B 91 -8.41 -10.00 7.22
C LEU B 91 -8.26 -10.86 5.98
N LYS B 92 -9.06 -11.91 5.87
CA LYS B 92 -8.88 -12.72 4.68
C LYS B 92 -10.01 -12.56 3.77
N ALA B 93 -9.70 -12.72 2.49
CA ALA B 93 -10.82 -12.54 1.62
C ALA B 93 -11.74 -13.68 1.87
N MET B 94 -12.90 -13.22 2.20
CA MET B 94 -14.00 -14.09 2.49
C MET B 94 -14.95 -13.90 1.33
N GLY B 95 -14.40 -13.23 0.31
CA GLY B 95 -15.09 -12.84 -0.91
C GLY B 95 -15.61 -11.40 -0.68
N GLU B 96 -15.36 -10.91 0.56
CA GLU B 96 -15.73 -9.60 1.09
C GLU B 96 -14.93 -8.40 0.56
N SER B 97 -13.62 -8.64 0.39
CA SER B 97 -12.62 -7.67 -0.05
C SER B 97 -13.05 -6.65 -1.08
N VAL B 98 -13.63 -7.16 -2.14
CA VAL B 98 -14.06 -6.27 -3.19
C VAL B 98 -15.02 -5.20 -2.66
N GLN B 99 -15.89 -5.59 -1.73
CA GLN B 99 -16.87 -4.67 -1.17
C GLN B 99 -16.41 -3.82 0.00
N LYS B 100 -15.31 -4.16 0.69
CA LYS B 100 -14.91 -3.32 1.83
C LYS B 100 -13.43 -3.04 1.93
N PRO B 101 -12.94 -2.45 0.84
CA PRO B 101 -11.55 -2.14 0.69
C PRO B 101 -10.87 -1.52 1.90
N LEU B 102 -11.48 -0.49 2.50
CA LEU B 102 -10.90 0.19 3.65
C LEU B 102 -10.59 -0.72 4.82
N ASP B 103 -11.45 -1.71 5.07
CA ASP B 103 -11.16 -2.59 6.20
C ASP B 103 -9.91 -3.40 5.91
N TYR B 104 -9.82 -3.85 4.67
CA TYR B 104 -8.66 -4.62 4.24
C TYR B 104 -7.36 -3.82 4.28
N TYR B 105 -7.43 -2.62 3.72
CA TYR B 105 -6.27 -1.77 3.71
C TYR B 105 -5.92 -1.34 5.14
N ARG B 106 -6.91 -1.02 5.95
CA ARG B 106 -6.54 -0.70 7.33
C ARG B 106 -5.85 -1.85 8.07
N VAL B 107 -6.55 -2.99 8.19
CA VAL B 107 -5.97 -4.08 8.92
C VAL B 107 -4.71 -4.70 8.34
N ASN B 108 -4.74 -4.96 7.03
CA ASN B 108 -3.61 -5.61 6.41
C ASN B 108 -2.47 -4.64 6.16
N LEU B 109 -2.75 -3.46 5.62
CA LEU B 109 -1.62 -2.55 5.35
C LEU B 109 -1.20 -1.76 6.59
N THR B 110 -2.13 -0.96 7.13
CA THR B 110 -1.73 -0.19 8.31
C THR B 110 -1.28 -1.10 9.43
N GLY B 111 -1.98 -2.21 9.67
CA GLY B 111 -1.54 -3.08 10.75
C GLY B 111 -0.17 -3.66 10.54
N THR B 112 0.13 -4.07 9.28
CA THR B 112 1.47 -4.61 9.04
C THR B 112 2.58 -3.53 9.16
N ILE B 113 2.29 -2.33 8.62
CA ILE B 113 3.27 -1.23 8.73
C ILE B 113 3.52 -0.93 10.23
N GLN B 114 2.45 -0.86 11.04
CA GLN B 114 2.66 -0.60 12.48
C GLN B 114 3.53 -1.69 13.13
N LEU B 115 3.32 -2.94 12.71
CA LEU B 115 4.10 -4.03 13.23
C LEU B 115 5.56 -3.90 12.81
N LEU B 116 5.74 -3.57 11.53
CA LEU B 116 7.09 -3.45 11.06
C LEU B 116 7.79 -2.32 11.81
N GLU B 117 7.04 -1.26 12.06
CA GLU B 117 7.69 -0.13 12.77
C GLU B 117 8.15 -0.45 14.19
N ILE B 118 7.34 -1.23 14.88
CA ILE B 118 7.71 -1.58 16.24
C ILE B 118 8.84 -2.55 16.23
N MET B 119 8.79 -3.46 15.23
CA MET B 119 9.87 -4.41 15.15
C MET B 119 11.23 -3.70 14.98
N LYS B 120 11.21 -2.73 14.06
CA LYS B 120 12.39 -1.92 13.74
C LYS B 120 12.81 -1.20 15.03
N ALA B 121 11.85 -0.52 15.68
CA ALA B 121 12.14 0.21 16.94
C ALA B 121 12.86 -0.61 17.98
N HIS B 122 12.44 -1.86 18.15
CA HIS B 122 13.01 -2.74 19.12
C HIS B 122 14.09 -3.67 18.64
N GLY B 123 14.51 -3.45 17.41
CA GLY B 123 15.57 -4.27 16.87
C GLY B 123 15.22 -5.72 16.65
N VAL B 124 13.93 -6.01 16.36
CA VAL B 124 13.56 -7.40 16.11
C VAL B 124 13.35 -7.43 14.58
N LYS B 125 14.42 -7.57 13.81
CA LYS B 125 14.35 -7.51 12.34
C LYS B 125 14.34 -8.86 11.63
N ASN B 126 13.45 -9.76 12.08
CA ASN B 126 13.32 -11.11 11.56
C ASN B 126 11.87 -11.41 11.48
N LEU B 127 11.37 -11.54 10.27
CA LEU B 127 9.95 -11.77 10.09
C LEU B 127 9.64 -12.91 9.12
N VAL B 128 8.54 -13.58 9.40
CA VAL B 128 8.00 -14.62 8.53
C VAL B 128 6.63 -14.08 8.22
N PHE B 129 6.29 -13.91 6.96
CA PHE B 129 5.02 -13.32 6.59
C PHE B 129 4.10 -14.25 5.78
N SER B 130 2.80 -14.21 6.12
CA SER B 130 1.75 -14.97 5.44
C SER B 130 1.34 -14.29 4.14
N SER B 131 1.90 -14.76 3.02
CA SER B 131 1.54 -14.22 1.74
C SER B 131 0.60 -15.23 1.07
N SER B 132 0.33 -15.07 -0.23
CA SER B 132 -0.60 -15.96 -0.92
C SER B 132 -0.33 -16.09 -2.39
N ALA B 133 -0.64 -17.24 -2.96
CA ALA B 133 -0.43 -17.38 -4.39
C ALA B 133 -1.28 -16.40 -5.17
N THR B 134 -2.23 -15.72 -4.51
CA THR B 134 -3.05 -14.77 -5.22
C THR B 134 -2.26 -13.61 -5.79
N VAL B 135 -1.08 -13.41 -5.22
CA VAL B 135 -0.18 -12.34 -5.66
C VAL B 135 0.29 -12.53 -7.09
N TYR B 136 0.23 -13.75 -7.60
CA TYR B 136 0.67 -13.96 -8.97
C TYR B 136 -0.37 -13.52 -9.97
N GLY B 137 -1.60 -13.27 -9.52
CA GLY B 137 -2.67 -12.85 -10.39
C GLY B 137 -3.08 -14.01 -11.28
N ASN B 138 -3.73 -13.72 -12.43
CA ASN B 138 -4.15 -14.77 -13.33
C ASN B 138 -2.95 -15.50 -13.84
N PRO B 139 -2.85 -16.77 -13.62
CA PRO B 139 -1.67 -17.49 -14.07
C PRO B 139 -1.31 -17.35 -15.55
N GLN B 140 -0.04 -17.00 -15.77
CA GLN B 140 0.45 -16.85 -17.12
C GLN B 140 0.95 -18.18 -17.67
N TYR B 141 1.41 -19.02 -16.75
CA TYR B 141 1.89 -20.36 -16.97
C TYR B 141 1.78 -21.15 -15.68
N LEU B 142 1.78 -22.47 -15.78
CA LEU B 142 1.66 -23.36 -14.65
C LEU B 142 2.67 -24.48 -14.81
N PRO B 143 3.26 -24.94 -13.72
CA PRO B 143 3.02 -24.44 -12.34
C PRO B 143 3.62 -23.08 -12.08
N LEU B 144 3.16 -22.44 -11.00
CA LEU B 144 3.67 -21.13 -10.65
C LEU B 144 4.93 -21.20 -9.86
N ASP B 145 5.98 -20.59 -10.40
CA ASP B 145 7.26 -20.52 -9.71
C ASP B 145 7.37 -19.08 -9.14
N GLU B 146 8.34 -18.90 -8.25
CA GLU B 146 8.51 -17.61 -7.61
C GLU B 146 8.85 -16.55 -8.61
N ALA B 147 9.40 -16.96 -9.76
CA ALA B 147 9.72 -15.96 -10.78
C ALA B 147 8.53 -15.49 -11.61
N HIS B 148 7.35 -16.07 -11.45
CA HIS B 148 6.21 -15.63 -12.22
C HIS B 148 5.90 -14.18 -11.85
N PRO B 149 5.38 -13.38 -12.77
CA PRO B 149 5.06 -12.00 -12.43
C PRO B 149 4.11 -11.86 -11.25
N THR B 150 4.26 -10.76 -10.52
CA THR B 150 3.36 -10.56 -9.38
C THR B 150 2.79 -9.18 -9.44
N GLY B 151 1.64 -9.02 -8.82
CA GLY B 151 0.97 -7.73 -8.81
C GLY B 151 -0.15 -7.76 -9.81
N GLY B 152 -0.83 -6.65 -9.99
CA GLY B 152 -1.92 -6.70 -10.95
C GLY B 152 -2.97 -7.70 -10.45
N CYS B 153 -3.25 -7.59 -9.15
CA CYS B 153 -4.20 -8.50 -8.55
C CYS B 153 -5.61 -8.11 -8.87
N THR B 154 -6.46 -9.11 -8.71
CA THR B 154 -7.85 -8.86 -8.99
C THR B 154 -8.56 -8.19 -7.81
N ASN B 155 -8.17 -8.49 -6.56
CA ASN B 155 -8.89 -7.88 -5.43
C ASN B 155 -8.11 -7.18 -4.33
N PRO B 156 -8.85 -6.38 -3.58
CA PRO B 156 -8.28 -5.63 -2.47
C PRO B 156 -7.50 -6.52 -1.51
N TYR B 157 -7.97 -7.75 -1.34
CA TYR B 157 -7.26 -8.67 -0.48
C TYR B 157 -5.92 -9.07 -1.07
N GLY B 158 -5.94 -9.52 -2.31
CA GLY B 158 -4.70 -9.95 -2.92
C GLY B 158 -3.75 -8.76 -3.12
N LYS B 159 -4.30 -7.59 -3.45
CA LYS B 159 -3.49 -6.39 -3.66
C LYS B 159 -2.78 -6.09 -2.37
N SER B 160 -3.54 -6.19 -1.26
CA SER B 160 -2.97 -5.95 0.04
C SER B 160 -1.77 -6.84 0.27
N LYS B 161 -1.88 -8.12 -0.15
CA LYS B 161 -0.77 -9.04 0.05
C LYS B 161 0.49 -8.64 -0.76
N PHE B 162 0.24 -8.24 -1.99
CA PHE B 162 1.30 -7.84 -2.88
C PHE B 162 1.96 -6.57 -2.38
N PHE B 163 1.14 -5.60 -1.97
CA PHE B 163 1.69 -4.36 -1.45
C PHE B 163 2.59 -4.63 -0.25
N ILE B 164 2.14 -5.53 0.64
CA ILE B 164 2.95 -5.85 1.80
C ILE B 164 4.25 -6.47 1.38
N GLU B 165 4.21 -7.41 0.40
CA GLU B 165 5.47 -8.01 -0.01
C GLU B 165 6.44 -6.91 -0.53
N GLU B 166 5.89 -5.99 -1.30
CA GLU B 166 6.73 -4.96 -1.87
C GLU B 166 7.36 -4.05 -0.80
N MET B 167 6.56 -3.74 0.23
CA MET B 167 7.04 -2.92 1.34
C MET B 167 8.15 -3.64 2.02
N ILE B 168 8.00 -4.93 2.25
CA ILE B 168 9.03 -5.68 2.94
C ILE B 168 10.30 -5.76 2.12
N ARG B 169 10.11 -5.92 0.81
CA ARG B 169 11.31 -5.99 -0.05
C ARG B 169 12.08 -4.68 0.11
N ASP B 170 11.33 -3.56 0.09
CA ASP B 170 11.92 -2.23 0.23
C ASP B 170 12.67 -2.08 1.54
N LEU B 171 12.04 -2.55 2.59
CA LEU B 171 12.63 -2.47 3.93
C LEU B 171 13.96 -3.23 3.96
N CYS B 172 13.96 -4.43 3.38
CA CYS B 172 15.15 -5.25 3.35
C CYS B 172 16.28 -4.63 2.55
N GLN B 173 15.91 -3.94 1.50
CA GLN B 173 16.87 -3.25 0.67
C GLN B 173 17.55 -2.13 1.45
N ALA B 174 16.72 -1.35 2.13
CA ALA B 174 17.18 -0.20 2.89
C ALA B 174 18.02 -0.56 4.09
N ASP B 175 17.75 -1.67 4.73
CA ASP B 175 18.50 -2.06 5.90
C ASP B 175 18.85 -3.54 5.75
N LYS B 176 20.11 -3.78 5.42
CA LYS B 176 20.63 -5.10 5.18
C LYS B 176 20.63 -6.06 6.38
N THR B 177 20.30 -5.52 7.54
CA THR B 177 20.26 -6.34 8.75
C THR B 177 18.93 -7.08 8.87
N TRP B 178 17.91 -6.60 8.16
CA TRP B 178 16.62 -7.27 8.21
C TRP B 178 16.67 -8.61 7.45
N ASN B 179 15.91 -9.59 7.93
CA ASN B 179 15.77 -10.88 7.32
C ASN B 179 14.27 -11.10 7.27
N VAL B 180 13.76 -11.49 6.09
CA VAL B 180 12.33 -11.71 5.95
C VAL B 180 12.07 -12.87 5.01
N VAL B 181 11.14 -13.73 5.42
CA VAL B 181 10.76 -14.86 4.60
C VAL B 181 9.30 -14.65 4.28
N LEU B 182 9.00 -14.48 2.99
CA LEU B 182 7.66 -14.28 2.52
C LEU B 182 7.15 -15.64 1.98
N LEU B 183 6.11 -16.19 2.61
CA LEU B 183 5.56 -17.51 2.28
C LEU B 183 4.28 -17.39 1.53
N ARG B 184 4.30 -17.78 0.21
CA ARG B 184 3.10 -17.68 -0.59
C ARG B 184 2.30 -18.99 -0.49
N TYR B 185 1.30 -18.96 0.38
CA TYR B 185 0.52 -20.18 0.58
C TYR B 185 -0.37 -20.40 -0.60
N PHE B 186 -0.59 -21.69 -0.87
CA PHE B 186 -1.52 -22.05 -1.92
C PHE B 186 -2.92 -22.26 -1.29
N ASN B 187 -3.52 -23.46 -1.30
CA ASN B 187 -4.86 -23.60 -0.70
C ASN B 187 -4.84 -24.48 0.53
N PRO B 188 -4.67 -23.87 1.69
CA PRO B 188 -4.57 -24.64 2.93
C PRO B 188 -5.84 -25.42 3.28
N THR B 189 -5.65 -26.70 3.68
CA THR B 189 -6.78 -27.52 4.06
C THR B 189 -6.32 -28.55 5.03
N GLY B 190 -7.28 -29.34 5.50
CA GLY B 190 -6.87 -30.36 6.45
C GLY B 190 -6.93 -29.82 7.88
N ALA B 191 -6.37 -30.61 8.80
CA ALA B 191 -6.38 -30.29 10.22
C ALA B 191 -5.42 -31.23 10.94
N HIS B 192 -5.05 -30.83 12.15
CA HIS B 192 -4.18 -31.61 13.00
C HIS B 192 -4.80 -33.04 13.11
N ALA B 193 -3.93 -34.06 13.11
CA ALA B 193 -4.38 -35.45 13.15
C ALA B 193 -5.24 -35.83 14.33
N SER B 194 -5.16 -35.03 15.38
CA SER B 194 -5.94 -35.31 16.57
C SER B 194 -7.41 -35.11 16.35
N GLY B 195 -7.75 -34.23 15.41
CA GLY B 195 -9.14 -33.93 15.14
C GLY B 195 -9.68 -32.89 16.12
N CYS B 196 -8.82 -32.42 17.03
CA CYS B 196 -9.28 -31.42 18.02
C CYS B 196 -9.33 -29.95 17.58
N ILE B 197 -8.53 -29.61 16.55
CA ILE B 197 -8.52 -28.23 16.04
C ILE B 197 -8.64 -28.32 14.53
N GLY B 198 -9.06 -27.24 13.91
CA GLY B 198 -9.20 -27.19 12.45
C GLY B 198 -9.79 -25.86 12.08
N GLU B 199 -10.11 -25.65 10.81
CA GLU B 199 -10.71 -24.39 10.40
C GLU B 199 -12.10 -24.27 10.95
N ASP B 200 -12.43 -23.10 11.52
CA ASP B 200 -13.71 -22.82 12.17
C ASP B 200 -14.45 -21.61 11.59
N PRO B 201 -14.90 -21.74 10.36
CA PRO B 201 -15.61 -20.67 9.71
C PRO B 201 -16.95 -20.35 10.36
N GLN B 202 -17.34 -19.08 10.39
CA GLN B 202 -18.62 -18.68 10.94
C GLN B 202 -19.55 -18.40 9.76
N GLY B 203 -20.78 -18.91 9.77
CA GLY B 203 -21.65 -18.65 8.62
C GLY B 203 -21.35 -19.57 7.43
N ILE B 204 -21.88 -19.24 6.28
CA ILE B 204 -21.67 -20.04 5.09
C ILE B 204 -20.22 -19.92 4.63
N PRO B 205 -19.49 -21.02 4.56
CA PRO B 205 -18.10 -20.96 4.17
C PRO B 205 -17.93 -20.50 2.75
N ASN B 206 -16.90 -19.64 2.57
CA ASN B 206 -16.58 -19.11 1.26
C ASN B 206 -15.63 -20.01 0.44
N ASN B 207 -14.78 -20.78 1.14
CA ASN B 207 -13.79 -21.69 0.58
C ASN B 207 -14.44 -23.07 0.35
N LEU B 208 -13.89 -23.81 -0.60
CA LEU B 208 -14.43 -25.12 -0.96
C LEU B 208 -14.49 -26.17 0.13
N MET B 209 -13.34 -26.53 0.69
CA MET B 209 -13.27 -27.61 1.65
C MET B 209 -14.21 -27.57 2.84
N PRO B 210 -14.33 -26.46 3.52
CA PRO B 210 -15.24 -26.42 4.63
C PRO B 210 -16.67 -26.53 4.14
N TYR B 211 -16.94 -26.03 2.95
CA TYR B 211 -18.29 -26.16 2.46
C TYR B 211 -18.55 -27.64 2.18
N VAL B 212 -17.58 -28.28 1.54
CA VAL B 212 -17.69 -29.70 1.20
C VAL B 212 -17.93 -30.50 2.48
N SER B 213 -17.08 -30.26 3.50
CA SER B 213 -17.22 -30.97 4.77
C SER B 213 -18.57 -30.72 5.43
N GLN B 214 -19.11 -29.51 5.33
CA GLN B 214 -20.40 -29.21 5.90
C GLN B 214 -21.55 -29.93 5.17
N VAL B 215 -21.36 -30.20 3.88
CA VAL B 215 -22.42 -30.91 3.15
C VAL B 215 -22.36 -32.33 3.65
N ALA B 216 -21.16 -32.87 3.79
CA ALA B 216 -21.01 -34.24 4.23
C ALA B 216 -21.59 -34.53 5.58
N ILE B 217 -21.42 -33.55 6.47
CA ILE B 217 -21.92 -33.70 7.83
C ILE B 217 -23.43 -33.47 7.89
N GLY B 218 -23.96 -32.89 6.83
CA GLY B 218 -25.38 -32.64 6.70
C GLY B 218 -25.85 -31.25 7.05
N ARG B 219 -24.88 -30.38 7.23
CA ARG B 219 -25.20 -29.00 7.59
C ARG B 219 -25.70 -28.23 6.39
N ARG B 220 -25.19 -28.61 5.21
CA ARG B 220 -25.57 -28.01 3.94
C ARG B 220 -26.16 -29.08 3.05
N GLU B 221 -27.15 -28.67 2.28
CA GLU B 221 -27.83 -29.56 1.38
C GLU B 221 -26.92 -30.10 0.29
N ALA B 222 -26.29 -29.17 -0.43
CA ALA B 222 -25.44 -29.57 -1.53
C ALA B 222 -24.39 -28.52 -1.83
N LEU B 223 -23.31 -29.00 -2.41
CA LEU B 223 -22.27 -28.09 -2.81
C LEU B 223 -22.62 -27.36 -4.12
N ASN B 224 -22.40 -26.06 -4.17
CA ASN B 224 -22.61 -25.32 -5.41
C ASN B 224 -21.23 -25.28 -6.04
N VAL B 225 -21.06 -25.80 -7.27
CA VAL B 225 -19.79 -25.84 -8.03
C VAL B 225 -19.79 -24.65 -8.95
N PHE B 226 -18.80 -23.79 -8.75
CA PHE B 226 -18.74 -22.57 -9.54
C PHE B 226 -18.15 -22.74 -10.92
N GLY B 227 -19.00 -23.22 -11.83
CA GLY B 227 -18.66 -23.47 -13.22
C GLY B 227 -18.00 -24.81 -13.49
N ASN B 228 -18.29 -25.36 -14.69
CA ASN B 228 -17.68 -26.62 -15.08
C ASN B 228 -17.22 -26.47 -16.49
N ASP B 229 -17.00 -25.22 -16.86
CA ASP B 229 -16.57 -24.94 -18.22
C ASP B 229 -15.21 -24.34 -18.38
N TYR B 230 -14.33 -24.55 -17.42
CA TYR B 230 -12.97 -24.02 -17.59
C TYR B 230 -12.17 -25.01 -18.42
N ASP B 231 -10.96 -24.56 -18.80
CA ASP B 231 -9.98 -25.34 -19.55
C ASP B 231 -9.14 -26.19 -18.58
N THR B 232 -9.84 -27.07 -17.85
CA THR B 232 -9.27 -28.03 -16.90
C THR B 232 -9.73 -29.41 -17.34
N GLU B 233 -8.98 -30.45 -16.98
CA GLU B 233 -9.34 -31.79 -17.42
C GLU B 233 -10.79 -32.16 -17.20
N ASP B 234 -11.41 -31.56 -16.20
CA ASP B 234 -12.81 -31.90 -15.96
C ASP B 234 -13.75 -30.71 -15.99
N GLY B 235 -13.24 -29.56 -16.37
CA GLY B 235 -14.17 -28.45 -16.40
C GLY B 235 -14.26 -27.65 -15.11
N THR B 236 -13.92 -28.25 -13.96
CA THR B 236 -13.99 -27.49 -12.73
C THR B 236 -12.61 -26.92 -12.35
N GLY B 237 -12.59 -25.89 -11.47
CA GLY B 237 -11.38 -25.21 -11.01
C GLY B 237 -10.44 -26.19 -10.36
N VAL B 238 -9.15 -25.98 -10.61
CA VAL B 238 -8.10 -26.82 -10.08
C VAL B 238 -7.23 -26.00 -9.13
N ARG B 239 -6.89 -26.56 -7.97
CA ARG B 239 -6.06 -25.85 -7.00
C ARG B 239 -5.07 -26.78 -6.34
N ASP B 240 -4.02 -26.17 -5.76
CA ASP B 240 -2.99 -26.91 -5.05
C ASP B 240 -3.39 -26.91 -3.58
N TYR B 241 -4.13 -27.93 -3.15
CA TYR B 241 -4.60 -28.08 -1.78
C TYR B 241 -3.40 -28.52 -0.98
N ILE B 242 -3.09 -27.83 0.13
CA ILE B 242 -1.93 -28.17 0.93
C ILE B 242 -2.33 -28.38 2.39
N HIS B 243 -1.83 -29.46 3.01
CA HIS B 243 -2.21 -29.75 4.38
C HIS B 243 -1.66 -28.71 5.36
N VAL B 244 -2.53 -28.16 6.17
CA VAL B 244 -2.16 -27.13 7.13
C VAL B 244 -1.01 -27.54 8.04
N VAL B 245 -0.84 -28.84 8.30
CA VAL B 245 0.25 -29.31 9.13
C VAL B 245 1.58 -29.13 8.41
N ASP B 246 1.57 -29.43 7.13
CA ASP B 246 2.82 -29.23 6.41
C ASP B 246 3.14 -27.73 6.33
N LEU B 247 2.09 -26.94 6.07
CA LEU B 247 2.24 -25.48 6.00
C LEU B 247 2.85 -24.98 7.29
N ALA B 248 2.30 -25.42 8.43
CA ALA B 248 2.84 -24.98 9.70
C ALA B 248 4.31 -25.36 9.81
N LYS B 249 4.66 -26.58 9.44
CA LYS B 249 6.04 -27.00 9.47
C LYS B 249 6.94 -26.13 8.58
N GLY B 250 6.39 -25.59 7.49
CA GLY B 250 7.15 -24.73 6.59
C GLY B 250 7.57 -23.46 7.32
N HIS B 251 6.79 -23.05 8.31
CA HIS B 251 7.10 -21.83 9.07
C HIS B 251 8.30 -22.07 9.98
N ILE B 252 8.50 -23.29 10.43
CA ILE B 252 9.64 -23.59 11.27
C ILE B 252 10.84 -23.57 10.38
N ALA B 253 10.67 -24.12 9.18
CA ALA B 253 11.78 -24.10 8.27
C ALA B 253 12.10 -22.62 7.93
N ALA B 254 11.07 -21.78 7.82
CA ALA B 254 11.35 -20.37 7.58
C ALA B 254 12.17 -19.74 8.71
N LEU B 255 11.88 -20.15 9.94
CA LEU B 255 12.60 -19.60 11.10
C LEU B 255 14.05 -19.92 10.99
N ARG B 256 14.33 -21.18 10.64
CA ARG B 256 15.71 -21.60 10.52
C ARG B 256 16.39 -20.81 9.42
N LYS B 257 15.63 -20.50 8.36
CA LYS B 257 16.18 -19.72 7.25
C LYS B 257 16.65 -18.33 7.69
N LEU B 258 15.83 -17.69 8.52
CA LEU B 258 16.17 -16.36 9.03
C LEU B 258 17.51 -16.41 9.75
N LYS B 259 17.79 -17.52 10.43
CA LYS B 259 19.05 -17.63 11.15
C LYS B 259 20.25 -17.55 10.25
N GLU B 260 20.05 -17.79 8.96
CA GLU B 260 21.15 -17.76 8.01
C GLU B 260 21.48 -16.33 7.59
N GLN B 261 20.69 -15.38 8.08
CA GLN B 261 20.84 -13.99 7.73
C GLN B 261 20.64 -13.87 6.25
N CYS B 262 19.56 -14.47 5.78
CA CYS B 262 19.17 -14.56 4.38
C CYS B 262 18.65 -13.29 3.75
N GLY B 263 18.37 -12.22 4.50
CA GLY B 263 17.83 -11.05 3.82
C GLY B 263 16.36 -11.37 3.47
N CYS B 264 15.84 -10.82 2.40
CA CYS B 264 14.49 -11.07 1.95
C CYS B 264 14.45 -12.27 0.98
N ARG B 265 13.74 -13.34 1.35
CA ARG B 265 13.54 -14.56 0.53
C ARG B 265 12.04 -14.81 0.40
N ILE B 266 11.63 -15.37 -0.75
CA ILE B 266 10.24 -15.63 -1.03
C ILE B 266 10.07 -17.06 -1.49
N TYR B 267 9.12 -17.78 -0.89
CA TYR B 267 8.89 -19.16 -1.25
C TYR B 267 7.45 -19.52 -1.32
N ASN B 268 7.17 -20.38 -2.30
CA ASN B 268 5.83 -20.90 -2.42
C ASN B 268 5.68 -22.02 -1.40
N LEU B 269 4.51 -22.13 -0.78
CA LEU B 269 4.26 -23.26 0.11
C LEU B 269 3.04 -23.97 -0.55
N GLY B 270 3.33 -24.98 -1.37
CA GLY B 270 2.31 -25.77 -2.07
C GLY B 270 2.82 -27.21 -2.22
N THR B 271 1.99 -28.13 -2.73
CA THR B 271 2.42 -29.52 -2.95
C THR B 271 2.92 -29.74 -4.36
N GLY B 272 2.42 -28.91 -5.26
CA GLY B 272 2.78 -29.02 -6.66
C GLY B 272 1.76 -29.88 -7.39
N THR B 273 0.79 -30.39 -6.66
CA THR B 273 -0.22 -31.21 -7.28
C THR B 273 -1.54 -30.50 -7.24
N GLY B 274 -2.18 -30.32 -8.40
CA GLY B 274 -3.45 -29.65 -8.40
C GLY B 274 -4.60 -30.67 -8.46
N TYR B 275 -5.73 -30.34 -7.85
CA TYR B 275 -6.93 -31.18 -7.83
C TYR B 275 -8.14 -30.36 -8.17
N SER B 276 -9.09 -30.95 -8.88
CA SER B 276 -10.29 -30.22 -9.24
C SER B 276 -11.37 -30.26 -8.16
N VAL B 277 -12.38 -29.43 -8.32
CA VAL B 277 -13.48 -29.38 -7.36
C VAL B 277 -14.08 -30.78 -7.22
N LEU B 278 -14.35 -31.47 -8.36
CA LEU B 278 -14.93 -32.82 -8.34
C LEU B 278 -14.02 -33.87 -7.71
N GLN B 279 -12.72 -33.76 -7.96
CA GLN B 279 -11.82 -34.69 -7.35
C GLN B 279 -11.83 -34.52 -5.84
N MET B 280 -11.97 -33.26 -5.38
CA MET B 280 -11.99 -33.03 -3.93
C MET B 280 -13.27 -33.60 -3.31
N VAL B 281 -14.35 -33.43 -4.06
CA VAL B 281 -15.64 -33.94 -3.62
C VAL B 281 -15.57 -35.46 -3.48
N GLN B 282 -15.02 -36.08 -4.51
CA GLN B 282 -14.91 -37.53 -4.45
C GLN B 282 -14.05 -38.02 -3.31
N ALA B 283 -12.89 -37.39 -3.15
CA ALA B 283 -12.02 -37.81 -2.05
C ALA B 283 -12.69 -37.63 -0.68
N MET B 284 -13.54 -36.61 -0.55
CA MET B 284 -14.22 -36.36 0.69
C MET B 284 -15.30 -37.42 0.89
N GLU B 285 -15.88 -37.91 -0.20
CA GLU B 285 -16.89 -38.95 -0.05
C GLU B 285 -16.21 -40.19 0.49
N LYS B 286 -15.03 -40.45 -0.04
CA LYS B 286 -14.32 -41.59 0.40
C LYS B 286 -13.92 -41.43 1.83
N ALA B 287 -13.38 -40.26 2.20
CA ALA B 287 -12.95 -40.10 3.59
C ALA B 287 -14.07 -40.14 4.62
N SER B 288 -15.18 -39.48 4.29
CA SER B 288 -16.31 -39.37 5.17
C SER B 288 -17.32 -40.52 5.18
N GLY B 289 -17.37 -41.29 4.11
CA GLY B 289 -18.34 -42.38 4.02
C GLY B 289 -19.75 -41.82 3.81
N LYS B 290 -19.85 -40.55 3.46
CA LYS B 290 -21.10 -39.85 3.23
C LYS B 290 -21.23 -39.44 1.79
N LYS B 291 -22.46 -39.15 1.34
CA LYS B 291 -22.65 -38.66 -0.01
C LYS B 291 -22.58 -37.16 0.06
N ILE B 292 -22.05 -36.53 -0.99
CA ILE B 292 -21.91 -35.10 -1.04
C ILE B 292 -22.47 -34.64 -2.37
N PRO B 293 -23.78 -34.39 -2.39
CA PRO B 293 -24.47 -33.92 -3.57
C PRO B 293 -23.92 -32.59 -3.97
N TYR B 294 -23.98 -32.28 -5.26
CA TYR B 294 -23.48 -31.04 -5.85
C TYR B 294 -24.37 -30.58 -6.99
N LYS B 295 -24.32 -29.27 -7.25
CA LYS B 295 -25.05 -28.61 -8.32
C LYS B 295 -24.10 -27.67 -9.07
N VAL B 296 -24.10 -27.75 -10.40
CA VAL B 296 -23.23 -26.90 -11.17
C VAL B 296 -23.89 -25.56 -11.39
N VAL B 297 -23.22 -24.51 -10.89
CA VAL B 297 -23.70 -23.15 -11.02
C VAL B 297 -22.73 -22.30 -11.84
N ALA B 298 -23.07 -21.02 -11.94
CA ALA B 298 -22.22 -20.12 -12.70
C ALA B 298 -20.85 -19.94 -12.10
N ARG B 299 -19.94 -19.48 -12.96
CA ARG B 299 -18.59 -19.18 -12.55
C ARG B 299 -18.65 -18.06 -11.50
N ARG B 300 -17.74 -18.11 -10.54
CA ARG B 300 -17.65 -17.10 -9.48
C ARG B 300 -16.72 -15.99 -9.97
N GLU B 301 -17.17 -14.74 -9.86
CA GLU B 301 -16.39 -13.63 -10.33
C GLU B 301 -15.00 -13.66 -9.75
N GLY B 302 -14.07 -13.44 -10.67
CA GLY B 302 -12.67 -13.41 -10.36
C GLY B 302 -12.02 -14.77 -10.21
N ASP B 303 -12.74 -15.88 -10.42
CA ASP B 303 -12.06 -17.16 -10.27
C ASP B 303 -11.17 -17.49 -11.45
N VAL B 304 -10.05 -18.11 -11.14
CA VAL B 304 -9.08 -18.55 -12.12
C VAL B 304 -9.35 -20.02 -12.40
N ALA B 305 -9.02 -20.49 -13.60
CA ALA B 305 -9.26 -21.87 -13.94
C ALA B 305 -8.43 -22.84 -13.13
N ALA B 306 -7.12 -22.59 -13.08
CA ALA B 306 -6.23 -23.47 -12.39
C ALA B 306 -5.06 -22.72 -11.78
N CYS B 307 -4.66 -23.15 -10.59
CA CYS B 307 -3.57 -22.53 -9.85
C CYS B 307 -2.88 -23.61 -9.05
N TYR B 308 -1.59 -23.76 -9.27
CA TYR B 308 -0.81 -24.75 -8.54
C TYR B 308 0.65 -24.38 -8.47
N ALA B 309 1.37 -24.84 -7.45
CA ALA B 309 2.75 -24.40 -7.27
C ALA B 309 3.86 -25.22 -7.85
N ASN B 310 4.96 -24.51 -8.07
CA ASN B 310 6.19 -25.14 -8.43
C ASN B 310 6.90 -25.14 -7.09
N PRO B 311 7.01 -26.28 -6.44
CA PRO B 311 7.60 -26.36 -5.11
C PRO B 311 9.12 -26.51 -5.04
N SER B 312 9.78 -26.40 -6.18
CA SER B 312 11.20 -26.60 -6.24
C SER B 312 12.07 -25.75 -5.33
N LEU B 313 11.86 -24.45 -5.44
CA LEU B 313 12.71 -23.55 -4.65
C LEU B 313 12.61 -23.81 -3.17
N ALA B 314 11.37 -23.97 -2.68
CA ALA B 314 11.22 -24.22 -1.25
C ALA B 314 11.93 -25.50 -0.86
N GLN B 315 11.84 -26.54 -1.72
CA GLN B 315 12.54 -27.74 -1.39
C GLN B 315 14.07 -27.54 -1.36
N GLU B 316 14.62 -26.88 -2.38
CA GLU B 316 16.05 -26.65 -2.47
C GLU B 316 16.64 -25.70 -1.43
N GLU B 317 15.98 -24.56 -1.23
CA GLU B 317 16.40 -23.49 -0.31
C GLU B 317 15.92 -23.58 1.12
N LEU B 318 14.62 -23.82 1.35
CA LEU B 318 14.08 -23.96 2.70
C LEU B 318 14.28 -25.36 3.19
N GLY B 319 14.55 -26.31 2.29
CA GLY B 319 14.72 -27.66 2.74
C GLY B 319 13.38 -28.24 3.19
N TRP B 320 12.30 -27.74 2.61
CA TRP B 320 10.99 -28.21 3.00
C TRP B 320 10.12 -28.71 1.84
N THR B 321 9.35 -29.76 2.13
CA THR B 321 8.42 -30.25 1.14
C THR B 321 7.19 -30.69 1.91
N ALA B 322 6.05 -30.59 1.25
CA ALA B 322 4.84 -31.03 1.91
C ALA B 322 4.80 -32.57 1.91
N ALA B 323 4.56 -33.20 3.04
CA ALA B 323 4.52 -34.67 3.05
C ALA B 323 3.16 -35.34 2.93
N LEU B 324 2.10 -34.64 3.26
CA LEU B 324 0.81 -35.25 3.29
C LEU B 324 0.00 -35.08 2.04
N GLY B 325 -0.58 -36.19 1.58
CA GLY B 325 -1.37 -36.19 0.35
C GLY B 325 -2.87 -36.04 0.52
N LEU B 326 -3.54 -36.11 -0.62
CA LEU B 326 -4.97 -35.95 -0.69
C LEU B 326 -5.78 -36.76 0.32
N ASP B 327 -5.50 -38.04 0.34
CA ASP B 327 -6.27 -38.88 1.24
C ASP B 327 -6.11 -38.43 2.70
N ARG B 328 -4.86 -38.13 3.07
CA ARG B 328 -4.56 -37.66 4.42
C ARG B 328 -5.26 -36.33 4.74
N MET B 329 -5.22 -35.36 3.81
CA MET B 329 -5.92 -34.12 4.00
C MET B 329 -7.39 -34.34 4.23
N CYS B 330 -8.02 -35.19 3.41
CA CYS B 330 -9.45 -35.44 3.52
C CYS B 330 -9.85 -36.17 4.82
N GLU B 331 -9.02 -37.16 5.19
CA GLU B 331 -9.27 -37.91 6.42
C GLU B 331 -9.19 -36.96 7.62
N ASP B 332 -8.17 -36.11 7.63
CA ASP B 332 -8.01 -35.17 8.74
C ASP B 332 -9.08 -34.10 8.78
N LEU B 333 -9.51 -33.63 7.62
CA LEU B 333 -10.54 -32.62 7.59
C LEU B 333 -11.82 -33.28 8.08
N TRP B 334 -12.08 -34.47 7.57
CA TRP B 334 -13.31 -35.15 8.00
C TRP B 334 -13.33 -35.39 9.50
N ARG B 335 -12.21 -35.84 10.04
CA ARG B 335 -12.15 -36.10 11.48
C ARG B 335 -12.53 -34.87 12.29
N TRP B 336 -11.91 -33.74 11.94
CA TRP B 336 -12.24 -32.48 12.63
C TRP B 336 -13.72 -32.15 12.54
N GLN B 337 -14.29 -32.20 11.33
CA GLN B 337 -15.69 -31.87 11.14
C GLN B 337 -16.68 -32.80 11.87
N LYS B 338 -16.37 -34.08 11.79
CA LYS B 338 -17.24 -35.12 12.37
C LYS B 338 -17.20 -35.08 13.86
N GLN B 339 -15.99 -34.87 14.38
CA GLN B 339 -15.77 -34.78 15.81
C GLN B 339 -16.21 -33.44 16.37
N ASN B 340 -16.34 -32.41 15.53
CA ASN B 340 -16.74 -31.10 16.01
C ASN B 340 -17.74 -30.51 15.08
N PRO B 341 -18.96 -31.00 15.15
CA PRO B 341 -20.01 -30.56 14.27
C PRO B 341 -20.31 -29.08 14.23
N SER B 342 -19.98 -28.39 15.30
CA SER B 342 -20.22 -26.96 15.35
C SER B 342 -18.91 -26.21 15.47
N GLY B 343 -17.84 -26.79 14.99
CA GLY B 343 -16.61 -26.04 15.14
C GLY B 343 -16.23 -26.01 16.60
N PHE B 344 -15.61 -24.92 17.03
CA PHE B 344 -15.16 -24.84 18.40
C PHE B 344 -16.23 -24.57 19.43
N GLY B 345 -17.33 -24.04 18.96
CA GLY B 345 -18.33 -23.81 19.98
C GLY B 345 -19.49 -22.97 19.50
N THR B 346 -20.25 -22.53 20.50
CA THR B 346 -21.44 -21.72 20.43
C THR B 346 -21.30 -20.47 21.30
N1 GDU C . 19.00 17.62 -12.02
C2 GDU C . 20.35 17.95 -12.10
N3 GDU C . 20.85 18.54 -10.99
C4 GDU C . 20.16 18.85 -9.82
C5 GDU C . 18.80 18.46 -9.83
C6 GDU C . 18.26 17.90 -10.88
O2 GDU C . 21.09 17.78 -13.08
O4 GDU C . 20.76 19.40 -8.93
C1D GDU C . 18.31 16.98 -13.15
C2D GDU C . 17.77 15.59 -12.88
O2D GDU C . 18.79 14.61 -13.20
C3D GDU C . 16.61 15.48 -13.89
C4D GDU C . 16.11 16.92 -13.93
O4D GDU C . 17.23 17.76 -13.49
O3D GDU C . 17.03 15.10 -15.22
C5D GDU C . 14.92 17.16 -13.01
O5D GDU C . 15.28 16.61 -11.73
PA GDU C . 14.37 16.97 -10.46
O1A GDU C . 14.02 18.40 -10.37
O2A GDU C . 15.02 16.38 -9.28
O3A GDU C . 12.98 16.12 -10.81
PB GDU C . 12.72 14.61 -11.19
O1B GDU C . 13.80 14.01 -12.03
O2B GDU C . 11.44 14.74 -11.93
O3B GDU C . 12.49 13.62 -9.93
C1' GDU C . 13.64 12.93 -9.57
C2' GDU C . 13.29 11.53 -9.09
C3' GDU C . 12.44 11.53 -7.84
C4' GDU C . 12.96 12.56 -6.85
C5' GDU C . 13.05 13.87 -7.57
C6' GDU C . 13.41 15.03 -6.69
O2' GDU C . 12.63 10.76 -10.11
O3' GDU C . 12.56 10.27 -7.19
O4' GDU C . 14.27 12.20 -6.44
O5' GDU C . 14.14 13.69 -8.47
O6' GDU C . 14.71 15.45 -7.02
CL CL D . 12.55 2.66 7.30
MG MG E . -5.74 12.56 -25.82
PA NAD F . 5.61 20.22 0.06
O1A NAD F . 5.90 21.68 -0.12
O2A NAD F . 6.54 19.45 0.87
O5B NAD F . 4.09 20.12 0.52
C5B NAD F . 3.60 19.05 1.36
C4B NAD F . 3.11 19.66 2.67
O4B NAD F . 2.69 18.56 3.51
C3B NAD F . 4.20 20.40 3.50
O3B NAD F . 3.79 21.76 3.78
C2B NAD F . 4.41 19.49 4.72
O2B NAD F . 4.69 20.25 5.91
C1B NAD F . 3.04 18.83 4.83
N9A NAD F . 3.03 17.55 5.52
C8A NAD F . 3.93 16.54 5.41
N7A NAD F . 3.65 15.48 6.20
C5A NAD F . 2.48 15.87 6.83
C6A NAD F . 1.67 15.19 7.79
N6A NAD F . 1.99 14.01 8.27
N1A NAD F . 0.55 15.87 8.19
C2A NAD F . 0.30 17.12 7.70
N3A NAD F . 1.00 17.81 6.81
C4A NAD F . 2.09 17.14 6.43
O3 NAD F . 5.48 19.45 -1.31
PN NAD F . 4.79 19.91 -2.70
O1N NAD F . 5.87 20.11 -3.70
O2N NAD F . 3.89 21.02 -2.46
O5D NAD F . 4.03 18.54 -3.01
C5D NAD F . 2.64 18.49 -2.66
C4D NAD F . 2.14 17.08 -2.92
O4D NAD F . 2.26 16.85 -4.35
C3D NAD F . 2.90 15.97 -2.22
O3D NAD F . 2.03 14.86 -1.84
C2D NAD F . 3.89 15.53 -3.30
O2D NAD F . 4.34 14.18 -3.05
C1D NAD F . 3.05 15.70 -4.55
N1N NAD F . 3.87 15.83 -5.78
C2N NAD F . 4.76 16.90 -5.80
C3N NAD F . 5.62 17.00 -6.88
C7N NAD F . 6.66 18.11 -6.99
O7N NAD F . 7.40 18.12 -7.98
N7N NAD F . 6.81 19.05 -6.05
C4N NAD F . 5.55 16.07 -7.96
C5N NAD F . 4.57 15.06 -7.81
C6N NAD F . 3.70 14.89 -6.78
C1 EDO G . 2.22 37.91 15.53
O1 EDO G . 1.92 37.45 14.21
C2 EDO G . 3.27 37.02 16.20
O2 EDO G . 2.67 36.03 17.04
N1 GDU H . -15.48 -23.63 -5.19
C2 GDU H . -16.72 -24.09 -5.55
N3 GDU H . -17.70 -23.92 -4.63
C4 GDU H . -17.57 -23.33 -3.37
C5 GDU H . -16.24 -22.89 -3.07
C6 GDU H . -15.27 -23.03 -3.95
O2 GDU H . -16.94 -24.59 -6.63
O4 GDU H . -18.56 -23.25 -2.66
C1D GDU H . -14.35 -23.80 -6.14
C2D GDU H . -13.75 -22.49 -6.60
O2D GDU H . -14.37 -22.04 -7.79
C3D GDU H . -12.29 -22.85 -6.87
C4D GDU H . -12.01 -23.90 -5.82
O4D GDU H . -13.30 -24.42 -5.44
O3D GDU H . -12.08 -23.40 -8.19
C5D GDU H . -11.26 -23.40 -4.58
O5D GDU H . -12.06 -22.29 -4.12
PA GDU H . -11.68 -21.52 -2.77
O1A GDU H . -11.54 -22.46 -1.64
O2A GDU H . -12.63 -20.40 -2.60
O3A GDU H . -10.15 -20.95 -3.02
PB GDU H . -9.55 -20.03 -4.15
O1B GDU H . -10.42 -19.96 -5.38
O2B GDU H . -8.29 -20.73 -4.57
O3B GDU H . -9.12 -18.58 -3.59
C1' GDU H . -10.03 -17.57 -3.92
C2' GDU H . -9.36 -16.24 -3.70
C3' GDU H . -9.03 -15.98 -2.24
C4' GDU H . -10.22 -16.32 -1.35
C5' GDU H . -10.67 -17.73 -1.68
C6' GDU H . -11.90 -18.16 -0.94
O2' GDU H . -8.17 -16.13 -4.47
O3' GDU H . -8.76 -14.58 -2.12
O4' GDU H . -11.32 -15.43 -1.57
O5' GDU H . -11.13 -17.70 -3.03
O6' GDU H . -12.98 -17.41 -1.50
CL CL I . -14.61 0.52 2.82
CL CL J . 6.20 -29.15 -1.37
PA NAD K . -7.69 -16.70 10.24
O1A NAD K . -8.13 -17.99 10.87
O2A NAD K . -8.69 -15.68 10.08
O5B NAD K . -6.42 -16.23 11.09
C5B NAD K . -6.11 -14.81 11.22
C4B NAD K . -6.15 -14.48 12.71
O4B NAD K . -5.81 -13.08 12.83
C3B NAD K . -7.55 -14.64 13.36
O3B NAD K . -7.48 -15.47 14.53
C2B NAD K . -7.95 -13.19 13.64
O2B NAD K . -8.76 -13.07 14.82
C1B NAD K . -6.60 -12.50 13.81
N9A NAD K . -6.68 -11.06 13.52
C8A NAD K . -7.33 -10.43 12.52
N7A NAD K . -7.18 -9.10 12.54
C5A NAD K . -6.40 -8.88 13.65
C6A NAD K . -5.88 -7.68 14.23
N6A NAD K . -6.18 -6.48 13.77
N1A NAD K . -5.10 -7.84 15.33
C2A NAD K . -4.86 -9.09 15.83
N3A NAD K . -5.30 -10.24 15.37
C4A NAD K . -6.06 -10.08 14.26
O3 NAD K . -7.06 -17.01 8.82
PN NAD K . -5.96 -18.07 8.32
O1N NAD K . -6.62 -18.98 7.35
O2N NAD K . -5.34 -18.75 9.45
O5D NAD K . -4.91 -17.23 7.49
C5D NAD K . -3.77 -16.73 8.22
C4D NAD K . -2.98 -15.79 7.32
O4D NAD K . -2.68 -16.50 6.06
C3D NAD K . -3.70 -14.53 6.92
O3D NAD K . -2.83 -13.39 6.79
C2D NAD K . -4.30 -14.96 5.58
O2D NAD K . -4.62 -13.79 4.78
C1D NAD K . -3.17 -15.77 5.00
N1N NAD K . -3.53 -16.71 3.92
C2N NAD K . -4.51 -17.61 4.22
C3N NAD K . -5.03 -18.36 3.17
C7N NAD K . -6.15 -19.36 3.39
O7N NAD K . -6.58 -20.00 2.42
N7N NAD K . -6.67 -19.57 4.61
C4N NAD K . -4.48 -18.26 1.84
C5N NAD K . -3.43 -17.33 1.70
C6N NAD K . -2.88 -16.57 2.69
C1 EDO L . -24.05 -14.71 4.12
O1 EDO L . -25.33 -15.31 4.20
C2 EDO L . -23.02 -15.63 3.46
O2 EDO L . -21.70 -15.09 3.54
#